data_8IQ8
#
_entry.id   8IQ8
#
_cell.length_a   93.433
_cell.length_b   62.840
_cell.length_c   135.952
_cell.angle_alpha   90.00
_cell.angle_beta   90.09
_cell.angle_gamma   90.00
#
_symmetry.space_group_name_H-M   'P 1 21 1'
#
loop_
_entity.id
_entity.type
_entity.pdbx_description
1 polymer '3,4-dihydroxyphenylacetate 2,3-dioxygenase'
2 non-polymer 'SODIUM ION'
3 water water
#
_entity_poly.entity_id   1
_entity_poly.type   'polypeptide(L)'
_entity_poly.pdbx_seq_one_letter_code
;MGKLVLAAKITHVPSMYLSELPGPHQGCRQAAIDGHKEIGQRCRDLDVDTIVVFDSHWLVNSAFHINCGEHFKGIYTSNE
LPHFIKDMEFEYDGNPVLGQLMQEEIAKTGVRVQAHNIKSLELEYGTLVPMRYMNQDRRFKVVSVSAFCTSHSLQDSRKF
GEGLIKAIERYDGNVAIFASGSLSHRFIWDWEAQRGMDTYTREWDRQVDKHVVKMWENAEWAEFCAMLPEYAEYCFGEGG
MHDTAMLLGALGWDKYNQPAEIITPAFPSSGTGQINAIFPLMPNT
;
_entity_poly.pdbx_strand_id   A,B,C,D
#
# COMPACT_ATOMS: atom_id res chain seq x y z
N GLY A 2 27.32 -5.41 34.47
CA GLY A 2 26.38 -4.36 34.91
C GLY A 2 24.93 -4.81 34.80
N LYS A 3 23.99 -3.87 34.88
CA LYS A 3 22.56 -4.15 35.11
C LYS A 3 21.69 -3.18 34.29
N LEU A 4 20.67 -3.67 33.58
CA LEU A 4 19.59 -2.77 33.06
C LEU A 4 18.69 -2.45 34.25
N VAL A 5 18.44 -1.18 34.58
CA VAL A 5 17.61 -0.82 35.77
C VAL A 5 16.32 -0.06 35.39
N LEU A 6 16.22 0.48 34.16
CA LEU A 6 15.01 1.20 33.70
C LEU A 6 14.92 1.14 32.18
N ALA A 7 13.70 0.96 31.68
CA ALA A 7 13.37 0.98 30.24
C ALA A 7 12.15 1.89 30.03
N ALA A 8 12.12 2.68 28.95
CA ALA A 8 11.01 3.62 28.73
C ALA A 8 10.79 3.86 27.24
N LYS A 9 9.54 4.10 26.88
CA LYS A 9 9.19 4.74 25.58
C LYS A 9 8.88 6.22 25.87
N ILE A 10 9.49 7.14 25.13
CA ILE A 10 9.37 8.59 25.41
C ILE A 10 9.18 9.34 24.09
N THR A 11 8.51 10.49 24.17
CA THR A 11 8.32 11.43 23.03
C THR A 11 9.54 12.36 22.90
N HIS A 12 9.79 12.89 21.70
CA HIS A 12 10.84 13.92 21.44
C HIS A 12 10.27 15.03 20.54
N VAL A 13 8.95 15.26 20.57
CA VAL A 13 8.31 16.18 19.59
C VAL A 13 8.88 17.59 19.79
N PRO A 14 9.09 18.34 18.68
CA PRO A 14 9.62 19.70 18.75
C PRO A 14 8.72 20.65 19.56
N SER A 15 7.44 20.35 19.66
CA SER A 15 6.47 21.13 20.47
C SER A 15 6.89 21.15 21.95
N MET A 16 7.77 20.25 22.41
CA MET A 16 8.25 20.32 23.82
C MET A 16 9.10 21.59 24.01
N TYR A 17 9.97 21.90 23.06
CA TYR A 17 10.78 23.14 23.09
C TYR A 17 9.87 24.38 22.85
N LEU A 18 8.93 24.30 21.90
CA LEU A 18 7.95 25.40 21.64
C LEU A 18 7.20 25.72 22.94
N SER A 19 6.95 24.72 23.79
CA SER A 19 6.19 24.88 25.06
C SER A 19 6.98 25.78 26.01
N GLU A 20 8.29 25.82 25.89
CA GLU A 20 9.16 26.64 26.78
C GLU A 20 9.13 28.11 26.37
N LEU A 21 8.68 28.43 25.15
CA LEU A 21 8.87 29.77 24.55
C LEU A 21 7.65 30.62 24.85
N PRO A 22 7.86 31.95 25.04
CA PRO A 22 6.77 32.92 25.10
C PRO A 22 5.92 32.82 23.82
N GLY A 23 4.60 32.86 23.99
CA GLY A 23 3.70 32.80 22.82
C GLY A 23 2.39 32.11 23.19
N PRO A 24 1.41 32.04 22.26
CA PRO A 24 0.15 31.37 22.57
C PRO A 24 0.31 29.86 22.84
N HIS A 25 1.44 29.24 22.44
CA HIS A 25 1.75 27.79 22.66
C HIS A 25 2.48 27.54 23.99
N GLN A 26 2.73 28.57 24.80
CA GLN A 26 3.57 28.40 26.01
C GLN A 26 2.86 27.41 26.91
N GLY A 27 3.56 26.36 27.37
CA GLY A 27 3.01 25.37 28.31
C GLY A 27 2.22 24.27 27.61
N CYS A 28 2.10 24.27 26.28
CA CYS A 28 1.24 23.30 25.55
C CYS A 28 1.78 21.88 25.70
N ARG A 29 3.03 21.68 26.15
CA ARG A 29 3.64 20.32 26.30
C ARG A 29 4.22 20.16 27.70
N GLN A 30 3.71 20.91 28.67
CA GLN A 30 4.20 20.79 30.06
C GLN A 30 4.06 19.33 30.53
N ALA A 31 2.97 18.63 30.25
CA ALA A 31 2.78 17.25 30.74
C ALA A 31 3.89 16.36 30.15
N ALA A 32 4.25 16.53 28.87
CA ALA A 32 5.29 15.69 28.22
C ALA A 32 6.66 15.95 28.86
N ILE A 33 6.98 17.21 29.14
CA ILE A 33 8.20 17.64 29.86
C ILE A 33 8.19 17.02 31.26
N ASP A 34 7.07 17.09 31.97
CA ASP A 34 6.95 16.52 33.33
C ASP A 34 7.35 15.03 33.27
N GLY A 35 6.87 14.31 32.25
CA GLY A 35 7.14 12.87 32.05
C GLY A 35 8.63 12.59 31.94
N HIS A 36 9.33 13.33 31.08
CA HIS A 36 10.80 13.24 30.95
C HIS A 36 11.46 13.45 32.32
N LYS A 37 11.08 14.51 33.02
CA LYS A 37 11.77 14.90 34.29
C LYS A 37 11.48 13.81 35.31
N GLU A 38 10.28 13.24 35.29
CA GLU A 38 9.95 12.12 36.20
C GLU A 38 10.86 10.91 35.88
N ILE A 39 10.99 10.54 34.61
CA ILE A 39 11.82 9.37 34.20
C ILE A 39 13.29 9.64 34.61
N GLY A 40 13.78 10.87 34.40
CA GLY A 40 15.11 11.30 34.81
C GLY A 40 15.32 11.10 36.31
N GLN A 41 14.32 11.52 37.09
CA GLN A 41 14.39 11.38 38.57
C GLN A 41 14.48 9.88 38.92
N ARG A 42 13.70 9.00 38.28
CA ARG A 42 13.74 7.54 38.56
C ARG A 42 15.15 7.00 38.21
N CYS A 43 15.79 7.47 37.15
CA CYS A 43 17.18 7.10 36.76
C CYS A 43 18.18 7.53 37.86
N ARG A 44 17.98 8.71 38.47
CA ARG A 44 18.79 9.20 39.62
C ARG A 44 18.54 8.28 40.83
N ASP A 45 17.27 8.00 41.12
CA ASP A 45 16.84 7.15 42.25
C ASP A 45 17.52 5.78 42.12
N LEU A 46 17.67 5.24 40.89
CA LEU A 46 18.17 3.86 40.60
C LEU A 46 19.66 3.84 40.24
N ASP A 47 20.35 4.96 40.42
N ASP A 47 20.38 4.94 40.46
CA ASP A 47 21.82 5.08 40.26
CA ASP A 47 21.86 5.05 40.27
C ASP A 47 22.23 4.66 38.84
C ASP A 47 22.25 4.66 38.83
N VAL A 48 21.48 5.12 37.83
CA VAL A 48 21.83 4.97 36.39
C VAL A 48 23.11 5.76 36.18
N ASP A 49 24.11 5.20 35.50
CA ASP A 49 25.30 5.99 35.16
C ASP A 49 25.32 6.28 33.66
N THR A 50 24.73 5.44 32.81
CA THR A 50 24.67 5.63 31.34
C THR A 50 23.24 5.42 30.83
N ILE A 51 22.83 6.27 29.91
CA ILE A 51 21.52 6.14 29.22
C ILE A 51 21.82 5.81 27.76
N VAL A 52 21.15 4.78 27.23
CA VAL A 52 21.20 4.44 25.78
C VAL A 52 19.86 4.89 25.16
N VAL A 53 19.91 5.73 24.13
CA VAL A 53 18.68 6.23 23.44
C VAL A 53 18.64 5.58 22.08
N PHE A 54 17.55 4.87 21.80
CA PHE A 54 17.15 4.42 20.45
C PHE A 54 16.48 5.64 19.78
N ASP A 55 17.22 6.32 18.91
CA ASP A 55 16.86 7.67 18.38
C ASP A 55 16.16 7.49 17.04
N SER A 56 14.82 7.59 17.03
CA SER A 56 14.01 7.47 15.80
C SER A 56 14.10 8.73 14.93
N HIS A 57 14.95 9.72 15.29
CA HIS A 57 15.23 10.91 14.44
C HIS A 57 16.54 10.71 13.65
N TRP A 58 17.36 9.70 13.96
CA TRP A 58 18.66 9.45 13.28
C TRP A 58 18.46 8.47 12.12
N LEU A 59 18.45 8.98 10.90
CA LEU A 59 18.11 8.19 9.69
C LEU A 59 19.35 7.46 9.19
N VAL A 60 19.24 6.15 8.96
CA VAL A 60 20.33 5.34 8.35
C VAL A 60 19.70 4.42 7.30
N ASN A 61 20.43 4.16 6.24
CA ASN A 61 20.00 3.27 5.15
C ASN A 61 20.64 1.87 5.28
N SER A 62 21.83 1.79 5.89
CA SER A 62 22.71 0.59 5.91
C SER A 62 23.27 0.40 7.32
N ALA A 63 23.03 -0.77 7.91
CA ALA A 63 23.51 -1.23 9.24
C ALA A 63 22.88 -0.39 10.35
N PHE A 64 23.12 -0.83 11.61
CA PHE A 64 22.75 -0.10 12.83
C PHE A 64 23.99 0.64 13.31
N HIS A 65 23.85 1.91 13.66
CA HIS A 65 24.98 2.74 14.06
C HIS A 65 24.84 3.20 15.51
N ILE A 66 25.96 3.20 16.22
CA ILE A 66 26.05 3.61 17.65
C ILE A 66 26.92 4.86 17.69
N ASN A 67 26.36 5.96 18.16
CA ASN A 67 27.14 7.16 18.53
C ASN A 67 27.59 6.97 19.98
N CYS A 68 28.81 6.50 20.18
CA CYS A 68 29.43 6.34 21.52
C CYS A 68 30.61 7.31 21.62
N GLY A 69 30.45 8.53 21.12
CA GLY A 69 31.44 9.62 21.24
C GLY A 69 31.81 9.82 22.70
N GLU A 70 33.06 10.19 22.97
CA GLU A 70 33.58 10.42 24.35
C GLU A 70 32.84 11.62 24.95
N HIS A 71 32.66 12.67 24.18
CA HIS A 71 32.14 13.98 24.66
C HIS A 71 31.32 14.63 23.55
N PHE A 72 30.15 15.17 23.91
CA PHE A 72 29.21 15.85 22.98
C PHE A 72 29.02 17.29 23.43
N LYS A 73 29.43 18.25 22.61
CA LYS A 73 29.29 19.69 22.92
C LYS A 73 28.95 20.45 21.64
N GLY A 74 27.92 21.28 21.67
CA GLY A 74 27.58 22.04 20.46
C GLY A 74 26.37 22.92 20.62
N ILE A 75 25.88 23.33 19.46
CA ILE A 75 24.79 24.32 19.27
C ILE A 75 23.87 23.69 18.22
N TYR A 76 22.63 23.43 18.59
CA TYR A 76 21.63 22.80 17.70
C TYR A 76 20.67 23.88 17.17
N THR A 77 20.41 23.80 15.87
CA THR A 77 19.30 24.50 15.19
C THR A 77 18.51 23.45 14.42
N SER A 78 17.19 23.47 14.59
CA SER A 78 16.24 22.61 13.86
C SER A 78 16.26 22.95 12.38
N ASN A 79 16.23 21.94 11.52
CA ASN A 79 16.00 22.15 10.06
C ASN A 79 14.49 22.03 9.77
N GLU A 80 13.68 21.62 10.76
CA GLU A 80 12.19 21.54 10.65
C GLU A 80 11.60 22.91 11.03
N LEU A 81 12.10 23.56 12.09
CA LEU A 81 11.59 24.84 12.65
C LEU A 81 12.74 25.78 12.98
N PRO A 82 13.51 26.22 11.96
CA PRO A 82 14.70 27.03 12.19
C PRO A 82 14.51 28.28 13.03
N HIS A 83 13.40 29.00 12.84
CA HIS A 83 13.13 30.30 13.54
C HIS A 83 13.00 30.11 15.05
N PHE A 84 12.36 29.02 15.51
CA PHE A 84 11.93 28.84 16.92
C PHE A 84 12.96 28.06 17.74
N ILE A 85 13.51 27.00 17.14
CA ILE A 85 14.52 26.09 17.78
C ILE A 85 15.86 26.35 17.09
N LYS A 86 16.64 27.29 17.61
CA LYS A 86 17.94 27.63 16.99
C LYS A 86 18.91 28.07 18.09
N ASP A 87 20.19 27.78 17.87
CA ASP A 87 21.32 28.18 18.74
C ASP A 87 21.09 27.59 20.14
N MET A 88 20.61 26.35 20.22
CA MET A 88 20.38 25.61 21.48
C MET A 88 21.68 24.92 21.92
N GLU A 89 22.30 25.42 23.01
CA GLU A 89 23.52 24.85 23.61
C GLU A 89 23.21 23.51 24.30
N PHE A 90 24.16 22.58 24.23
CA PHE A 90 24.12 21.31 24.99
C PHE A 90 25.55 20.84 25.23
N GLU A 91 25.75 20.09 26.32
CA GLU A 91 27.05 19.46 26.64
C GLU A 91 26.77 18.26 27.53
N TYR A 92 27.19 17.07 27.10
CA TYR A 92 27.00 15.77 27.78
C TYR A 92 28.27 14.90 27.65
N ASP A 93 28.45 14.02 28.62
CA ASP A 93 29.52 13.00 28.69
C ASP A 93 29.05 11.74 27.94
N GLY A 94 29.95 11.15 27.15
CA GLY A 94 29.70 9.90 26.40
C GLY A 94 30.22 8.65 27.12
N ASN A 95 30.02 7.48 26.51
CA ASN A 95 30.54 6.19 27.03
C ASN A 95 31.04 5.32 25.89
N PRO A 96 32.24 5.62 25.36
CA PRO A 96 32.88 4.76 24.35
C PRO A 96 33.01 3.28 24.78
N VAL A 97 33.28 3.03 26.06
CA VAL A 97 33.47 1.63 26.58
C VAL A 97 32.17 0.83 26.39
N LEU A 98 31.00 1.34 26.79
CA LEU A 98 29.70 0.64 26.59
C LEU A 98 29.44 0.48 25.09
N GLY A 99 29.73 1.53 24.33
CA GLY A 99 29.55 1.52 22.86
C GLY A 99 30.25 0.34 22.20
N GLN A 100 31.50 0.10 22.61
CA GLN A 100 32.33 -1.00 22.04
C GLN A 100 31.76 -2.36 22.46
N LEU A 101 31.33 -2.50 23.72
CA LEU A 101 30.70 -3.73 24.23
C LEU A 101 29.43 -4.00 23.41
N MET A 102 28.65 -2.96 23.13
CA MET A 102 27.41 -3.06 22.31
C MET A 102 27.74 -3.54 20.90
N GLN A 103 28.72 -2.94 20.26
CA GLN A 103 29.18 -3.36 18.93
C GLN A 103 29.54 -4.86 19.01
N GLU A 104 30.34 -5.26 20.01
CA GLU A 104 30.91 -6.66 20.07
C GLU A 104 29.77 -7.66 20.23
N GLU A 105 28.91 -7.45 21.22
CA GLU A 105 27.82 -8.40 21.57
C GLU A 105 26.74 -8.41 20.49
N ILE A 106 26.39 -7.26 19.92
CA ILE A 106 25.29 -7.21 18.91
C ILE A 106 25.81 -7.83 17.62
N ALA A 107 27.09 -7.63 17.31
CA ALA A 107 27.71 -8.23 16.10
C ALA A 107 27.70 -9.76 16.20
N LYS A 108 27.71 -10.32 17.41
CA LYS A 108 27.68 -11.80 17.62
C LYS A 108 26.30 -12.35 17.25
N THR A 109 25.24 -11.51 17.24
CA THR A 109 23.89 -11.97 16.85
C THR A 109 23.73 -12.07 15.34
N GLY A 110 24.68 -11.59 14.53
CA GLY A 110 24.54 -11.55 13.05
C GLY A 110 24.12 -10.17 12.55
N VAL A 111 23.66 -9.30 13.45
CA VAL A 111 23.29 -7.89 13.12
C VAL A 111 24.52 -7.13 12.61
N ARG A 112 24.37 -6.38 11.53
CA ARG A 112 25.41 -5.47 11.00
C ARG A 112 25.37 -4.21 11.86
N VAL A 113 26.48 -3.91 12.55
CA VAL A 113 26.46 -2.83 13.57
C VAL A 113 27.83 -2.18 13.60
N GLN A 114 27.84 -0.84 13.65
CA GLN A 114 29.08 -0.04 13.72
C GLN A 114 29.01 0.88 14.93
N ALA A 115 30.13 1.04 15.64
CA ALA A 115 30.31 1.98 16.77
C ALA A 115 31.16 3.16 16.27
N HIS A 116 30.76 4.38 16.60
CA HIS A 116 31.47 5.62 16.20
C HIS A 116 31.80 6.45 17.42
N ASN A 117 33.09 6.75 17.54
CA ASN A 117 33.65 7.71 18.51
C ASN A 117 34.34 8.82 17.70
N ILE A 118 33.52 9.72 17.16
CA ILE A 118 33.94 10.82 16.24
C ILE A 118 33.40 12.15 16.82
N LYS A 119 34.29 13.09 17.13
CA LYS A 119 33.94 14.40 17.73
C LYS A 119 32.88 15.10 16.87
N SER A 120 32.99 15.02 15.53
CA SER A 120 32.13 15.76 14.58
C SER A 120 30.80 15.02 14.28
N LEU A 121 30.58 13.80 14.79
CA LEU A 121 29.28 13.10 14.63
C LEU A 121 28.40 13.52 15.82
N GLU A 122 27.48 14.45 15.59
CA GLU A 122 26.71 15.16 16.64
C GLU A 122 25.53 14.29 17.04
N LEU A 123 25.06 14.47 18.28
CA LEU A 123 23.83 13.85 18.79
C LEU A 123 22.64 14.31 17.94
N GLU A 124 21.77 13.37 17.55
N GLU A 124 21.76 13.37 17.55
CA GLU A 124 20.51 13.68 16.81
CA GLU A 124 20.50 13.64 16.85
C GLU A 124 19.41 14.06 17.81
C GLU A 124 19.41 14.10 17.84
N TYR A 125 18.32 14.62 17.28
CA TYR A 125 17.27 15.34 18.04
C TYR A 125 16.58 14.40 19.03
N GLY A 126 16.33 13.14 18.66
CA GLY A 126 15.68 12.17 19.55
C GLY A 126 16.45 11.96 20.86
N THR A 127 17.74 12.28 20.86
CA THR A 127 18.64 12.11 22.02
C THR A 127 18.80 13.45 22.73
N LEU A 128 18.89 14.56 21.99
CA LEU A 128 19.07 15.93 22.57
C LEU A 128 17.87 16.32 23.45
N VAL A 129 16.65 15.96 23.04
CA VAL A 129 15.43 16.37 23.77
C VAL A 129 15.43 15.77 25.18
N PRO A 130 15.50 14.42 25.37
CA PRO A 130 15.47 13.84 26.71
C PRO A 130 16.65 14.38 27.53
N MET A 131 17.82 14.50 26.91
CA MET A 131 19.02 15.03 27.62
C MET A 131 18.73 16.47 28.07
N ARG A 132 18.02 17.31 27.30
CA ARG A 132 17.69 18.70 27.71
C ARG A 132 16.96 18.70 29.06
N TYR A 133 15.96 17.84 29.22
CA TYR A 133 15.03 17.84 30.38
C TYR A 133 15.62 17.00 31.52
N MET A 134 16.50 16.03 31.23
CA MET A 134 16.91 15.05 32.27
C MET A 134 18.33 15.29 32.77
N ASN A 135 19.23 15.86 31.95
CA ASN A 135 20.70 15.67 32.14
C ASN A 135 21.46 16.98 31.97
N GLN A 136 20.86 18.13 32.28
CA GLN A 136 21.55 19.43 32.09
C GLN A 136 22.76 19.54 33.03
N ASP A 137 22.72 18.92 34.22
CA ASP A 137 23.86 18.86 35.17
C ASP A 137 24.85 17.73 34.84
N ARG A 138 24.64 16.97 33.75
CA ARG A 138 25.61 15.96 33.27
C ARG A 138 25.79 14.85 34.30
N ARG A 139 24.73 14.53 35.03
CA ARG A 139 24.64 13.34 35.94
C ARG A 139 24.83 12.04 35.15
N PHE A 140 24.39 11.97 33.88
CA PHE A 140 24.39 10.71 33.08
C PHE A 140 25.30 10.81 31.86
N LYS A 141 25.98 9.70 31.55
CA LYS A 141 26.66 9.50 30.26
C LYS A 141 25.56 9.11 29.28
N VAL A 142 25.76 9.32 27.98
CA VAL A 142 24.71 9.06 26.98
C VAL A 142 25.38 8.42 25.77
N VAL A 143 24.70 7.43 25.21
CA VAL A 143 25.06 6.71 23.95
C VAL A 143 23.80 6.72 23.11
N SER A 144 23.92 6.99 21.83
CA SER A 144 22.77 7.11 20.90
C SER A 144 22.88 6.01 19.85
N VAL A 145 21.72 5.50 19.41
CA VAL A 145 21.56 4.42 18.40
C VAL A 145 20.63 4.92 17.31
N SER A 146 21.01 4.67 16.06
CA SER A 146 20.20 5.06 14.88
C SER A 146 18.95 4.18 14.86
N ALA A 147 17.75 4.77 14.96
CA ALA A 147 16.48 4.02 14.94
C ALA A 147 15.54 4.48 13.84
N PHE A 148 15.93 5.40 12.95
CA PHE A 148 15.16 5.72 11.71
C PHE A 148 15.82 4.88 10.62
N CYS A 149 15.42 3.61 10.54
CA CYS A 149 16.08 2.56 9.73
C CYS A 149 15.18 2.29 8.53
N THR A 150 15.65 2.70 7.34
CA THR A 150 14.80 2.77 6.13
C THR A 150 14.68 1.41 5.45
N SER A 151 15.62 0.49 5.71
CA SER A 151 15.84 -0.70 4.85
C SER A 151 16.17 -1.92 5.71
N HIS A 152 15.56 -1.99 6.90
CA HIS A 152 15.99 -2.91 7.98
C HIS A 152 14.84 -3.80 8.45
N SER A 153 15.19 -4.96 9.01
CA SER A 153 14.26 -5.94 9.63
C SER A 153 13.96 -5.54 11.07
N LEU A 154 12.68 -5.58 11.49
CA LEU A 154 12.32 -5.39 12.92
C LEU A 154 12.91 -6.54 13.76
N GLN A 155 13.15 -7.72 13.17
CA GLN A 155 13.79 -8.85 13.90
C GLN A 155 15.25 -8.49 14.18
N ASP A 156 15.90 -7.70 13.32
CA ASP A 156 17.30 -7.27 13.58
C ASP A 156 17.32 -6.22 14.69
N SER A 157 16.33 -5.33 14.75
CA SER A 157 16.23 -4.36 15.86
C SER A 157 15.95 -5.16 17.14
N ARG A 158 15.10 -6.18 17.07
CA ARG A 158 14.92 -7.10 18.24
C ARG A 158 16.30 -7.62 18.65
N LYS A 159 17.11 -8.09 17.70
CA LYS A 159 18.40 -8.75 18.04
C LYS A 159 19.34 -7.69 18.62
N PHE A 160 19.31 -6.47 18.09
CA PHE A 160 20.09 -5.33 18.60
C PHE A 160 19.80 -5.15 20.11
N GLY A 161 18.52 -5.12 20.50
CA GLY A 161 18.12 -5.09 21.92
C GLY A 161 18.63 -6.29 22.72
N GLU A 162 18.60 -7.50 22.15
CA GLU A 162 19.03 -8.74 22.86
C GLU A 162 20.54 -8.59 23.11
N GLY A 163 21.30 -8.25 22.08
CA GLY A 163 22.76 -8.09 22.18
C GLY A 163 23.12 -6.98 23.16
N LEU A 164 22.33 -5.89 23.20
CA LEU A 164 22.54 -4.76 24.15
C LEU A 164 22.55 -5.29 25.60
N ILE A 165 21.65 -6.20 25.94
CA ILE A 165 21.58 -6.77 27.32
C ILE A 165 22.93 -7.45 27.62
N LYS A 166 23.48 -8.18 26.66
CA LYS A 166 24.75 -8.95 26.82
C LYS A 166 25.90 -7.96 27.00
N ALA A 167 25.87 -6.80 26.33
CA ALA A 167 26.83 -5.70 26.51
C ALA A 167 26.73 -5.14 27.93
N ILE A 168 25.52 -4.92 28.41
CA ILE A 168 25.31 -4.31 29.77
C ILE A 168 25.88 -5.28 30.82
N GLU A 169 25.68 -6.59 30.61
CA GLU A 169 26.16 -7.65 31.54
C GLU A 169 27.68 -7.47 31.74
N ARG A 170 28.41 -7.15 30.67
CA ARG A 170 29.88 -6.98 30.67
C ARG A 170 30.32 -5.59 31.16
N TYR A 171 29.43 -4.59 31.21
CA TYR A 171 29.78 -3.19 31.54
C TYR A 171 29.70 -3.01 33.05
N ASP A 172 30.65 -2.28 33.65
CA ASP A 172 30.66 -2.02 35.12
C ASP A 172 29.78 -0.79 35.45
N GLY A 173 28.46 -0.96 35.42
CA GLY A 173 27.52 0.08 35.83
C GLY A 173 26.07 -0.26 35.57
N ASN A 174 25.18 0.64 35.99
CA ASN A 174 23.71 0.55 35.79
C ASN A 174 23.33 1.34 34.53
N VAL A 175 22.45 0.78 33.72
CA VAL A 175 22.09 1.39 32.41
C VAL A 175 20.56 1.53 32.33
N ALA A 176 20.11 2.62 31.73
CA ALA A 176 18.69 2.81 31.37
C ALA A 176 18.57 2.89 29.85
N ILE A 177 17.47 2.41 29.29
CA ILE A 177 17.24 2.48 27.82
C ILE A 177 15.93 3.24 27.53
N PHE A 178 15.97 4.10 26.53
CA PHE A 178 14.82 4.91 26.07
C PHE A 178 14.60 4.69 24.57
N ALA A 179 13.43 4.18 24.17
CA ALA A 179 12.94 4.31 22.78
C ALA A 179 12.38 5.71 22.59
N SER A 180 13.09 6.59 21.86
CA SER A 180 12.70 8.02 21.65
C SER A 180 12.01 8.13 20.29
N GLY A 181 10.68 8.15 20.31
CA GLY A 181 9.85 8.16 19.10
C GLY A 181 8.39 8.22 19.43
N SER A 182 7.59 7.56 18.60
CA SER A 182 6.15 7.82 18.51
C SER A 182 5.40 6.50 18.63
N LEU A 183 4.09 6.64 18.74
CA LEU A 183 3.11 5.61 18.35
C LEU A 183 2.93 5.78 16.85
N SER A 184 1.71 5.99 16.39
CA SER A 184 1.43 6.37 14.97
C SER A 184 2.16 7.68 14.63
N HIS A 185 2.61 7.83 13.37
CA HIS A 185 3.32 9.08 12.99
C HIS A 185 2.97 9.47 11.56
N ARG A 186 1.66 9.51 11.28
CA ARG A 186 1.10 10.12 10.04
C ARG A 186 0.98 11.63 10.32
N PHE A 187 2.05 12.37 10.06
CA PHE A 187 2.14 13.81 10.36
C PHE A 187 1.00 14.51 9.60
N ILE A 188 0.40 15.52 10.23
CA ILE A 188 -0.74 16.30 9.70
C ILE A 188 -0.35 16.88 8.33
N TRP A 189 -1.26 16.81 7.36
CA TRP A 189 -1.00 17.30 5.99
C TRP A 189 -0.74 18.81 6.02
N ASP A 190 0.15 19.23 5.14
CA ASP A 190 0.60 20.63 4.99
C ASP A 190 -0.58 21.58 4.76
N TRP A 191 -1.62 21.14 4.05
CA TRP A 191 -2.81 21.96 3.70
C TRP A 191 -3.83 21.98 4.85
N GLU A 192 -3.48 21.43 6.03
CA GLU A 192 -4.38 21.32 7.22
C GLU A 192 -3.70 21.95 8.45
N ALA A 193 -2.63 22.73 8.26
CA ALA A 193 -1.89 23.43 9.36
C ALA A 193 -2.88 24.19 10.24
N GLN A 194 -3.81 24.90 9.58
CA GLN A 194 -5.07 25.48 10.13
C GLN A 194 -5.48 24.82 11.46
N ARG A 195 -5.53 23.47 11.50
CA ARG A 195 -6.12 22.66 12.59
C ARG A 195 -5.24 22.68 13.85
N GLY A 196 -4.03 23.24 13.80
CA GLY A 196 -3.12 23.35 14.95
C GLY A 196 -2.41 22.03 15.28
N MET A 197 -1.78 21.94 16.44
CA MET A 197 -0.79 20.88 16.80
C MET A 197 -1.42 19.80 17.69
N ASP A 198 -2.71 19.88 18.03
CA ASP A 198 -3.32 19.01 19.08
C ASP A 198 -4.38 18.07 18.47
N THR A 199 -4.21 17.67 17.21
CA THR A 199 -5.17 16.76 16.53
C THR A 199 -4.44 15.60 15.88
N TYR A 200 -5.14 14.48 15.72
CA TYR A 200 -4.72 13.38 14.84
C TYR A 200 -5.11 13.71 13.40
N THR A 201 -4.27 13.31 12.45
CA THR A 201 -4.55 13.45 11.00
C THR A 201 -5.74 12.57 10.62
N ARG A 202 -5.77 11.36 11.18
CA ARG A 202 -6.73 10.29 10.84
C ARG A 202 -7.31 9.71 12.14
N GLU A 203 -8.63 9.63 12.24
CA GLU A 203 -9.26 8.93 13.38
C GLU A 203 -8.70 7.49 13.49
N TRP A 204 -8.46 6.85 12.35
CA TRP A 204 -7.86 5.49 12.24
C TRP A 204 -6.64 5.39 13.17
N ASP A 205 -5.70 6.30 13.03
CA ASP A 205 -4.45 6.28 13.84
C ASP A 205 -4.80 6.53 15.31
N ARG A 206 -5.69 7.46 15.59
CA ARG A 206 -6.16 7.69 16.99
C ARG A 206 -6.62 6.37 17.63
N GLN A 207 -7.49 5.62 16.92
CA GLN A 207 -8.13 4.40 17.47
C GLN A 207 -7.13 3.26 17.59
N VAL A 208 -6.31 3.04 16.57
CA VAL A 208 -5.26 1.99 16.66
C VAL A 208 -4.35 2.34 17.84
N ASP A 209 -3.96 3.62 18.01
CA ASP A 209 -3.09 4.03 19.15
C ASP A 209 -3.81 3.74 20.49
N LYS A 210 -5.11 4.02 20.61
CA LYS A 210 -5.85 3.73 21.88
C LYS A 210 -5.81 2.22 22.16
N HIS A 211 -6.02 1.38 21.15
CA HIS A 211 -5.96 -0.11 21.30
C HIS A 211 -4.55 -0.53 21.74
N VAL A 212 -3.51 -0.05 21.05
CA VAL A 212 -2.10 -0.45 21.34
C VAL A 212 -1.78 -0.07 22.80
N VAL A 213 -2.23 1.08 23.26
CA VAL A 213 -1.92 1.54 24.64
C VAL A 213 -2.59 0.59 25.62
N LYS A 214 -3.81 0.15 25.32
CA LYS A 214 -4.51 -0.88 26.15
C LYS A 214 -3.71 -2.20 26.14
N MET A 215 -3.24 -2.63 24.97
CA MET A 215 -2.39 -3.85 24.90
C MET A 215 -1.18 -3.69 25.85
N TRP A 216 -0.53 -2.53 25.85
CA TRP A 216 0.67 -2.28 26.70
C TRP A 216 0.29 -2.42 28.16
N GLU A 217 -0.84 -1.80 28.55
CA GLU A 217 -1.37 -1.75 29.94
C GLU A 217 -1.77 -3.14 30.40
N ASN A 218 -2.14 -4.01 29.47
CA ASN A 218 -2.61 -5.40 29.72
C ASN A 218 -1.45 -6.40 29.48
N ALA A 219 -0.21 -5.96 29.26
CA ALA A 219 0.99 -6.80 29.01
C ALA A 219 0.70 -7.83 27.89
N GLU A 220 -0.04 -7.43 26.86
CA GLU A 220 -0.28 -8.30 25.68
C GLU A 220 0.90 -8.24 24.71
N TRP A 221 2.09 -8.64 25.17
CA TRP A 221 3.35 -8.37 24.43
C TRP A 221 3.56 -9.37 23.29
N ALA A 222 3.17 -10.64 23.46
CA ALA A 222 3.26 -11.65 22.36
C ALA A 222 2.43 -11.13 21.18
N GLU A 223 1.24 -10.63 21.48
CA GLU A 223 0.28 -10.13 20.47
C GLU A 223 0.81 -8.81 19.88
N PHE A 224 1.33 -7.92 20.71
CA PHE A 224 1.83 -6.62 20.20
C PHE A 224 3.03 -6.86 19.28
N CYS A 225 3.96 -7.71 19.72
CA CYS A 225 5.18 -8.06 18.93
C CYS A 225 4.79 -8.70 17.59
N ALA A 226 3.82 -9.61 17.59
CA ALA A 226 3.29 -10.23 16.35
C ALA A 226 2.71 -9.17 15.40
N MET A 227 2.00 -8.14 15.89
CA MET A 227 1.33 -7.14 15.00
C MET A 227 2.21 -5.93 14.69
N LEU A 228 3.43 -5.82 15.24
CA LEU A 228 4.25 -4.60 15.12
C LEU A 228 4.60 -4.29 13.66
N PRO A 229 4.95 -5.26 12.79
CA PRO A 229 5.25 -4.92 11.40
C PRO A 229 4.08 -4.17 10.74
N GLU A 230 2.86 -4.69 10.92
CA GLU A 230 1.64 -4.07 10.35
C GLU A 230 1.38 -2.68 10.98
N TYR A 231 1.50 -2.53 12.30
CA TYR A 231 1.29 -1.23 12.98
C TYR A 231 2.26 -0.18 12.38
N ALA A 232 3.52 -0.58 12.20
CA ALA A 232 4.61 0.30 11.68
C ALA A 232 4.30 0.71 10.24
N GLU A 233 3.72 -0.18 9.45
CA GLU A 233 3.38 0.11 8.03
C GLU A 233 2.11 0.97 7.97
N TYR A 234 1.01 0.52 8.56
CA TYR A 234 -0.33 1.09 8.33
C TYR A 234 -0.58 2.35 9.16
N CYS A 235 0.27 2.58 10.17
CA CYS A 235 0.18 3.75 11.07
C CYS A 235 1.44 4.63 10.92
N PHE A 236 2.20 4.47 9.84
CA PHE A 236 3.29 5.40 9.44
C PHE A 236 4.25 5.65 10.62
N GLY A 237 4.81 4.57 11.18
CA GLY A 237 5.66 4.68 12.38
C GLY A 237 6.82 5.62 12.14
N GLU A 238 7.15 6.44 13.13
CA GLU A 238 8.36 7.28 13.07
C GLU A 238 9.59 6.37 13.03
N GLY A 239 10.29 6.44 11.91
CA GLY A 239 11.47 5.60 11.67
C GLY A 239 11.16 4.13 11.49
N GLY A 240 9.87 3.76 11.37
CA GLY A 240 9.44 2.37 11.15
C GLY A 240 9.25 1.61 12.46
N MET A 241 9.23 2.32 13.60
CA MET A 241 9.06 1.77 14.97
C MET A 241 10.21 0.83 15.34
N HIS A 242 11.41 1.01 14.74
CA HIS A 242 12.65 0.28 15.14
C HIS A 242 13.03 0.59 16.58
N ASP A 243 12.71 1.80 17.10
CA ASP A 243 12.99 2.20 18.50
C ASP A 243 12.19 1.31 19.46
N THR A 244 10.93 1.07 19.14
CA THR A 244 9.99 0.19 19.90
C THR A 244 10.50 -1.25 19.84
N ALA A 245 11.00 -1.71 18.69
CA ALA A 245 11.52 -3.08 18.51
C ALA A 245 12.80 -3.29 19.35
N MET A 246 13.73 -2.33 19.37
CA MET A 246 14.98 -2.40 20.17
C MET A 246 14.64 -2.52 21.66
N LEU A 247 13.69 -1.74 22.12
CA LEU A 247 13.24 -1.73 23.53
C LEU A 247 12.64 -3.10 23.87
N LEU A 248 11.76 -3.62 23.01
CA LEU A 248 11.05 -4.87 23.30
C LEU A 248 12.04 -6.03 23.19
N GLY A 249 12.98 -5.93 22.27
CA GLY A 249 14.11 -6.88 22.16
C GLY A 249 14.87 -7.04 23.48
N ALA A 250 15.25 -5.92 24.10
CA ALA A 250 16.02 -5.86 25.36
C ALA A 250 15.21 -6.47 26.49
N LEU A 251 13.89 -6.40 26.40
CA LEU A 251 12.97 -6.74 27.52
C LEU A 251 12.49 -8.20 27.42
N GLY A 252 12.61 -8.86 26.28
CA GLY A 252 12.25 -10.27 26.10
C GLY A 252 11.29 -10.56 24.95
N TRP A 253 10.91 -9.55 24.16
CA TRP A 253 10.01 -9.70 22.98
C TRP A 253 8.69 -10.33 23.45
N ASP A 254 8.30 -11.47 22.88
CA ASP A 254 7.01 -12.12 23.18
C ASP A 254 7.03 -12.75 24.59
N LYS A 255 8.18 -12.86 25.24
CA LYS A 255 8.24 -13.36 26.65
C LYS A 255 8.10 -12.19 27.63
N TYR A 256 8.20 -10.94 27.19
CA TYR A 256 7.99 -9.79 28.11
C TYR A 256 6.57 -9.85 28.66
N ASN A 257 6.41 -9.59 29.97
CA ASN A 257 5.16 -9.97 30.69
C ASN A 257 4.74 -8.91 31.72
N GLN A 258 5.28 -7.68 31.66
CA GLN A 258 4.97 -6.61 32.66
C GLN A 258 4.06 -5.55 32.03
N PRO A 259 2.97 -5.13 32.73
CA PRO A 259 2.11 -4.05 32.24
C PRO A 259 2.89 -2.73 32.18
N ALA A 260 2.89 -2.04 31.03
CA ALA A 260 3.47 -0.67 30.92
C ALA A 260 2.87 0.25 31.98
N GLU A 261 3.71 1.04 32.64
CA GLU A 261 3.27 2.16 33.51
C GLU A 261 3.22 3.44 32.66
N ILE A 262 2.01 3.96 32.38
CA ILE A 262 1.82 5.19 31.56
C ILE A 262 2.22 6.44 32.40
N ILE A 263 3.19 7.23 31.94
CA ILE A 263 3.74 8.40 32.68
C ILE A 263 3.02 9.65 32.16
N THR A 264 2.98 9.77 30.84
CA THR A 264 2.26 10.81 30.08
C THR A 264 1.26 10.08 29.17
N PRO A 265 -0.06 10.18 29.45
CA PRO A 265 -1.09 9.57 28.61
C PRO A 265 -0.93 9.97 27.14
N ALA A 266 -1.28 9.08 26.23
CA ALA A 266 -1.08 9.29 24.78
C ALA A 266 -1.75 10.63 24.41
N PHE A 267 -1.12 11.44 23.57
CA PHE A 267 -1.65 12.75 23.11
C PHE A 267 -1.25 12.90 21.65
N PRO A 268 -2.09 13.61 20.86
CA PRO A 268 -1.73 13.95 19.49
C PRO A 268 -0.77 15.12 19.48
N SER A 269 0.16 15.10 18.53
CA SER A 269 1.04 16.25 18.32
C SER A 269 1.29 16.36 16.82
N SER A 270 0.71 17.40 16.20
CA SER A 270 0.80 17.63 14.74
C SER A 270 0.43 16.36 13.98
N GLY A 271 -0.65 15.68 14.43
CA GLY A 271 -1.28 14.54 13.76
C GLY A 271 -0.73 13.18 14.16
N THR A 272 0.33 13.16 14.99
CA THR A 272 1.06 11.94 15.41
C THR A 272 0.69 11.57 16.85
N GLY A 273 0.86 10.30 17.21
CA GLY A 273 0.63 9.80 18.57
C GLY A 273 1.91 9.79 19.38
N GLN A 274 1.82 10.30 20.61
CA GLN A 274 2.97 10.50 21.50
C GLN A 274 2.58 9.98 22.87
N ILE A 275 3.52 9.37 23.57
CA ILE A 275 3.31 8.79 24.93
C ILE A 275 4.66 8.81 25.66
N ASN A 276 4.62 8.89 27.00
CA ASN A 276 5.76 8.53 27.87
C ASN A 276 5.31 7.35 28.73
N ALA A 277 6.05 6.25 28.70
CA ALA A 277 5.69 5.04 29.44
C ALA A 277 6.93 4.31 29.97
N ILE A 278 6.88 3.88 31.23
CA ILE A 278 7.92 2.99 31.84
C ILE A 278 7.51 1.55 31.56
N PHE A 279 8.47 0.75 31.09
CA PHE A 279 8.31 -0.70 30.85
C PHE A 279 9.00 -1.41 32.01
N PRO A 280 8.29 -1.82 33.07
CA PRO A 280 8.97 -2.43 34.22
C PRO A 280 9.81 -3.67 33.87
N LEU A 281 10.92 -3.88 34.56
CA LEU A 281 11.85 -5.01 34.26
C LEU A 281 11.27 -6.34 34.78
N MET A 282 11.51 -7.42 34.04
CA MET A 282 11.07 -8.79 34.45
C MET A 282 11.89 -9.22 35.66
N PRO A 283 11.34 -10.04 36.58
CA PRO A 283 12.03 -10.37 37.85
C PRO A 283 13.42 -11.00 37.71
N GLY B 2 -43.90 2.89 4.93
CA GLY B 2 -43.43 1.68 5.63
C GLY B 2 -42.37 2.04 6.66
N LYS B 3 -41.76 1.01 7.26
CA LYS B 3 -40.92 1.15 8.47
C LYS B 3 -39.69 0.25 8.34
N LEU B 4 -38.49 0.76 8.60
CA LEU B 4 -37.31 -0.11 8.91
C LEU B 4 -37.51 -0.59 10.35
N VAL B 5 -37.54 -1.90 10.60
CA VAL B 5 -37.80 -2.40 11.98
C VAL B 5 -36.60 -3.20 12.52
N LEU B 6 -35.66 -3.65 11.69
CA LEU B 6 -34.48 -4.42 12.15
C LEU B 6 -33.32 -4.20 11.20
N ALA B 7 -32.13 -4.06 11.76
CA ALA B 7 -30.83 -3.93 11.06
C ALA B 7 -29.80 -4.83 11.74
N ALA B 8 -28.95 -5.51 10.95
CA ALA B 8 -27.96 -6.46 11.48
C ALA B 8 -26.76 -6.56 10.54
N LYS B 9 -25.59 -6.79 11.16
CA LYS B 9 -24.38 -7.30 10.46
C LYS B 9 -24.34 -8.80 10.70
N ILE B 10 -24.24 -9.60 9.63
CA ILE B 10 -24.23 -11.09 9.77
C ILE B 10 -23.10 -11.69 8.93
N THR B 11 -22.62 -12.87 9.37
CA THR B 11 -21.62 -13.70 8.65
C THR B 11 -22.36 -14.53 7.59
N HIS B 12 -21.69 -14.80 6.47
CA HIS B 12 -22.14 -15.79 5.46
C HIS B 12 -21.03 -16.82 5.16
N VAL B 13 -20.12 -17.10 6.10
CA VAL B 13 -18.93 -17.95 5.77
C VAL B 13 -19.37 -19.34 5.31
N PRO B 14 -18.67 -19.95 4.34
CA PRO B 14 -19.03 -21.29 3.86
C PRO B 14 -18.92 -22.39 4.93
N SER B 15 -18.17 -22.18 6.01
CA SER B 15 -18.05 -23.13 7.13
C SER B 15 -19.43 -23.31 7.83
N MET B 16 -20.36 -22.37 7.68
CA MET B 16 -21.75 -22.56 8.20
C MET B 16 -22.35 -23.79 7.51
N TYR B 17 -22.26 -23.91 6.18
CA TYR B 17 -22.79 -25.10 5.46
C TYR B 17 -21.95 -26.33 5.83
N LEU B 18 -20.62 -26.21 5.88
CA LEU B 18 -19.73 -27.33 6.31
C LEU B 18 -20.15 -27.87 7.68
N SER B 19 -20.58 -27.01 8.60
CA SER B 19 -21.00 -27.37 9.99
C SER B 19 -22.19 -28.35 9.99
N GLU B 20 -22.99 -28.34 8.93
CA GLU B 20 -24.20 -29.20 8.80
C GLU B 20 -23.80 -30.63 8.39
N LEU B 21 -22.64 -30.80 7.75
CA LEU B 21 -22.27 -32.05 7.04
C LEU B 21 -21.65 -33.04 8.02
N PRO B 22 -21.78 -34.36 7.78
CA PRO B 22 -21.13 -35.36 8.62
C PRO B 22 -19.61 -35.20 8.43
N GLY B 23 -18.83 -35.35 9.49
CA GLY B 23 -17.36 -35.27 9.42
C GLY B 23 -16.77 -34.69 10.69
N PRO B 24 -15.43 -34.49 10.75
CA PRO B 24 -14.80 -33.94 11.96
C PRO B 24 -15.19 -32.48 12.24
N HIS B 25 -15.70 -31.74 11.25
CA HIS B 25 -16.12 -30.31 11.36
C HIS B 25 -17.64 -30.16 11.60
N GLN B 26 -18.38 -31.27 11.82
CA GLN B 26 -19.84 -31.16 12.06
C GLN B 26 -20.01 -30.35 13.35
N GLY B 27 -20.80 -29.27 13.29
CA GLY B 27 -21.15 -28.45 14.45
C GLY B 27 -20.18 -27.30 14.68
N CYS B 28 -19.16 -27.14 13.83
CA CYS B 28 -18.07 -26.13 13.98
C CYS B 28 -18.61 -24.70 13.89
N ARG B 29 -19.84 -24.49 13.40
CA ARG B 29 -20.45 -23.12 13.28
C ARG B 29 -21.86 -23.09 13.85
N GLN B 30 -22.15 -23.95 14.82
CA GLN B 30 -23.50 -24.04 15.45
C GLN B 30 -23.95 -22.66 15.96
N ALA B 31 -23.10 -21.93 16.69
CA ALA B 31 -23.48 -20.65 17.31
C ALA B 31 -23.73 -19.58 16.21
N ALA B 32 -22.94 -19.52 15.15
CA ALA B 32 -23.21 -18.62 14.02
C ALA B 32 -24.58 -18.94 13.43
N ILE B 33 -24.93 -20.22 13.28
CA ILE B 33 -26.23 -20.67 12.69
C ILE B 33 -27.34 -20.24 13.63
N ASP B 34 -27.16 -20.43 14.94
CA ASP B 34 -28.21 -20.09 15.93
C ASP B 34 -28.40 -18.56 15.93
N GLY B 35 -27.35 -17.78 15.67
CA GLY B 35 -27.44 -16.30 15.55
C GLY B 35 -28.30 -15.89 14.37
N HIS B 36 -28.08 -16.55 13.21
CA HIS B 36 -28.96 -16.37 12.02
C HIS B 36 -30.41 -16.68 12.41
N LYS B 37 -30.66 -17.85 12.98
CA LYS B 37 -32.03 -18.27 13.40
C LYS B 37 -32.64 -17.28 14.39
N GLU B 38 -31.86 -16.74 15.33
CA GLU B 38 -32.37 -15.76 16.32
C GLU B 38 -32.78 -14.46 15.63
N ILE B 39 -31.98 -13.99 14.69
CA ILE B 39 -32.21 -12.71 13.98
C ILE B 39 -33.46 -12.89 13.10
N GLY B 40 -33.59 -14.05 12.46
CA GLY B 40 -34.78 -14.45 11.70
C GLY B 40 -36.05 -14.41 12.55
N GLN B 41 -35.98 -15.01 13.74
CA GLN B 41 -37.17 -15.06 14.64
C GLN B 41 -37.58 -13.62 15.04
N ARG B 42 -36.62 -12.74 15.31
CA ARG B 42 -36.95 -11.33 15.64
C ARG B 42 -37.62 -10.65 14.45
N CYS B 43 -37.19 -10.95 13.23
CA CYS B 43 -37.86 -10.51 11.97
C CYS B 43 -39.31 -11.02 12.00
N ARG B 44 -39.59 -12.25 12.45
CA ARG B 44 -40.97 -12.78 12.48
C ARG B 44 -41.77 -11.96 13.50
N ASP B 45 -41.19 -11.76 14.67
CA ASP B 45 -41.83 -11.04 15.80
C ASP B 45 -42.17 -9.59 15.40
N LEU B 46 -41.34 -8.95 14.58
CA LEU B 46 -41.50 -7.53 14.20
C LEU B 46 -42.35 -7.40 12.93
N ASP B 47 -42.87 -8.51 12.40
CA ASP B 47 -43.79 -8.51 11.25
C ASP B 47 -43.06 -7.95 10.02
N VAL B 48 -41.80 -8.33 9.86
CA VAL B 48 -41.02 -8.04 8.62
C VAL B 48 -41.72 -8.75 7.45
N ASP B 49 -41.94 -8.07 6.33
CA ASP B 49 -42.41 -8.80 5.13
C ASP B 49 -41.30 -8.91 4.10
N THR B 50 -40.29 -8.04 4.13
CA THR B 50 -39.20 -8.06 3.11
C THR B 50 -37.86 -7.87 3.80
N ILE B 51 -36.86 -8.67 3.43
CA ILE B 51 -35.46 -8.53 3.89
C ILE B 51 -34.63 -8.05 2.70
N VAL B 52 -33.83 -6.99 2.91
CA VAL B 52 -32.90 -6.44 1.90
C VAL B 52 -31.51 -6.84 2.38
N VAL B 53 -30.77 -7.57 1.56
CA VAL B 53 -29.40 -8.02 1.96
C VAL B 53 -28.39 -7.23 1.14
N PHE B 54 -27.48 -6.52 1.82
CA PHE B 54 -26.22 -5.97 1.25
C PHE B 54 -25.20 -7.12 1.14
N ASP B 55 -25.08 -7.66 -0.08
CA ASP B 55 -24.43 -8.96 -0.34
C ASP B 55 -22.98 -8.70 -0.76
N SER B 56 -22.06 -8.90 0.19
CA SER B 56 -20.61 -8.63 -0.01
C SER B 56 -19.96 -9.76 -0.81
N HIS B 57 -20.73 -10.75 -1.27
CA HIS B 57 -20.28 -11.79 -2.23
C HIS B 57 -20.64 -11.42 -3.67
N TRP B 58 -21.46 -10.39 -3.91
CA TRP B 58 -21.86 -9.98 -5.29
C TRP B 58 -20.92 -8.89 -5.81
N LEU B 59 -20.02 -9.25 -6.71
CA LEU B 59 -18.95 -8.38 -7.27
C LEU B 59 -19.52 -7.56 -8.42
N VAL B 60 -19.41 -6.24 -8.33
CA VAL B 60 -19.75 -5.26 -9.41
C VAL B 60 -18.60 -4.26 -9.54
N ASN B 61 -18.32 -3.83 -10.77
CA ASN B 61 -17.25 -2.83 -11.07
C ASN B 61 -17.86 -1.42 -11.29
N SER B 62 -19.12 -1.34 -11.72
CA SER B 62 -19.79 -0.08 -12.13
C SER B 62 -21.18 0.00 -11.51
N ALA B 63 -21.48 1.07 -10.77
CA ALA B 63 -22.80 1.36 -10.19
C ALA B 63 -23.19 0.34 -9.11
N PHE B 64 -24.26 0.65 -8.39
CA PHE B 64 -24.89 -0.23 -7.37
C PHE B 64 -26.06 -0.93 -8.05
N HIS B 65 -26.12 -2.24 -7.87
CA HIS B 65 -27.11 -3.10 -8.56
C HIS B 65 -28.03 -3.71 -7.50
N ILE B 66 -29.30 -3.75 -7.82
CA ILE B 66 -30.35 -4.32 -6.95
C ILE B 66 -30.95 -5.48 -7.72
N ASN B 67 -30.96 -6.67 -7.13
CA ASN B 67 -31.68 -7.86 -7.62
C ASN B 67 -33.05 -7.85 -6.91
N CYS B 68 -34.08 -7.41 -7.62
CA CYS B 68 -35.46 -7.30 -7.07
C CYS B 68 -36.33 -8.20 -7.95
N GLY B 69 -35.79 -9.37 -8.31
CA GLY B 69 -36.51 -10.38 -9.10
C GLY B 69 -37.78 -10.78 -8.39
N GLU B 70 -38.80 -11.13 -9.16
CA GLU B 70 -40.14 -11.50 -8.61
C GLU B 70 -40.00 -12.85 -7.87
N HIS B 71 -39.20 -13.78 -8.39
CA HIS B 71 -39.08 -15.17 -7.86
C HIS B 71 -37.66 -15.71 -7.98
N PHE B 72 -37.16 -16.35 -6.92
CA PHE B 72 -35.81 -16.97 -6.93
C PHE B 72 -35.97 -18.48 -6.74
N LYS B 73 -35.57 -19.24 -7.73
CA LYS B 73 -35.53 -20.71 -7.62
C LYS B 73 -34.34 -21.21 -8.42
N GLY B 74 -33.51 -22.03 -7.79
CA GLY B 74 -32.47 -22.77 -8.52
C GLY B 74 -31.71 -23.73 -7.63
N ILE B 75 -30.52 -24.10 -8.11
CA ILE B 75 -29.60 -25.10 -7.53
C ILE B 75 -28.25 -24.41 -7.46
N TYR B 76 -27.69 -24.29 -6.26
CA TYR B 76 -26.44 -23.54 -6.03
C TYR B 76 -25.26 -24.52 -5.87
N THR B 77 -24.22 -24.34 -6.68
CA THR B 77 -22.91 -25.00 -6.50
C THR B 77 -21.85 -23.91 -6.30
N SER B 78 -21.15 -23.94 -5.16
CA SER B 78 -20.03 -23.01 -4.86
C SER B 78 -18.92 -23.20 -5.89
N ASN B 79 -18.38 -22.11 -6.41
CA ASN B 79 -17.14 -22.21 -7.23
C ASN B 79 -15.92 -22.03 -6.32
N GLU B 80 -16.11 -21.89 -5.00
CA GLU B 80 -15.00 -21.79 -4.00
C GLU B 80 -14.75 -23.17 -3.37
N LEU B 81 -15.80 -23.93 -3.00
CA LEU B 81 -15.67 -25.28 -2.38
C LEU B 81 -16.64 -26.26 -3.04
N PRO B 82 -16.50 -26.53 -4.35
CA PRO B 82 -17.52 -27.29 -5.06
C PRO B 82 -17.59 -28.77 -4.64
N HIS B 83 -16.53 -29.30 -4.01
CA HIS B 83 -16.53 -30.69 -3.49
C HIS B 83 -17.58 -30.82 -2.37
N PHE B 84 -17.73 -29.78 -1.54
CA PHE B 84 -18.58 -29.80 -0.32
C PHE B 84 -19.93 -29.08 -0.54
N ILE B 85 -19.95 -27.93 -1.21
CA ILE B 85 -21.17 -27.09 -1.38
C ILE B 85 -21.63 -27.18 -2.84
N LYS B 86 -22.58 -28.07 -3.10
CA LYS B 86 -23.02 -28.38 -4.48
C LYS B 86 -24.48 -28.85 -4.45
N ASP B 87 -25.19 -28.58 -5.54
CA ASP B 87 -26.57 -29.06 -5.81
C ASP B 87 -27.46 -28.61 -4.64
N MET B 88 -27.22 -27.42 -4.09
CA MET B 88 -27.99 -26.88 -2.94
C MET B 88 -29.24 -26.18 -3.49
N GLU B 89 -30.39 -26.84 -3.35
CA GLU B 89 -31.74 -26.32 -3.70
C GLU B 89 -32.11 -25.07 -2.87
N PHE B 90 -32.79 -24.13 -3.51
CA PHE B 90 -33.38 -22.92 -2.85
C PHE B 90 -34.58 -22.40 -3.66
N GLU B 91 -35.52 -21.78 -2.96
CA GLU B 91 -36.69 -21.10 -3.56
C GLU B 91 -37.19 -20.02 -2.60
N TYR B 92 -37.22 -18.76 -3.06
CA TYR B 92 -37.72 -17.60 -2.29
C TYR B 92 -38.56 -16.68 -3.19
N ASP B 93 -39.42 -15.89 -2.56
CA ASP B 93 -40.27 -14.85 -3.19
C ASP B 93 -39.52 -13.52 -3.14
N GLY B 94 -39.80 -12.65 -4.11
CA GLY B 94 -39.08 -11.38 -4.34
C GLY B 94 -39.98 -10.17 -4.11
N ASN B 95 -39.42 -8.99 -4.26
CA ASN B 95 -40.18 -7.72 -4.10
C ASN B 95 -39.73 -6.70 -5.13
N PRO B 96 -40.20 -6.84 -6.40
CA PRO B 96 -39.90 -5.86 -7.45
C PRO B 96 -40.39 -4.44 -7.12
N VAL B 97 -41.47 -4.34 -6.32
CA VAL B 97 -42.04 -3.02 -5.96
C VAL B 97 -41.07 -2.30 -5.02
N LEU B 98 -40.55 -2.97 -3.98
CA LEU B 98 -39.55 -2.33 -3.10
C LEU B 98 -38.31 -2.00 -3.92
N GLY B 99 -37.90 -2.87 -4.84
CA GLY B 99 -36.72 -2.64 -5.70
C GLY B 99 -36.83 -1.33 -6.48
N GLN B 100 -37.95 -1.10 -7.15
CA GLN B 100 -38.12 0.11 -8.02
C GLN B 100 -38.13 1.36 -7.13
N LEU B 101 -38.73 1.30 -5.93
CA LEU B 101 -38.72 2.42 -4.94
C LEU B 101 -37.28 2.71 -4.53
N MET B 102 -36.50 1.66 -4.29
CA MET B 102 -35.06 1.77 -3.93
C MET B 102 -34.33 2.49 -5.06
N GLN B 103 -34.53 2.06 -6.30
CA GLN B 103 -33.85 2.69 -7.46
C GLN B 103 -34.29 4.16 -7.55
N GLU B 104 -35.59 4.43 -7.42
CA GLU B 104 -36.14 5.82 -7.51
C GLU B 104 -35.47 6.69 -6.46
N GLU B 105 -35.51 6.29 -5.19
CA GLU B 105 -35.09 7.19 -4.08
C GLU B 105 -33.57 7.30 -4.04
N ILE B 106 -32.85 6.21 -4.32
CA ILE B 106 -31.37 6.23 -4.25
C ILE B 106 -30.82 7.07 -5.42
N ALA B 107 -31.41 6.99 -6.60
CA ALA B 107 -30.99 7.80 -7.78
C ALA B 107 -31.13 9.31 -7.47
N LYS B 108 -32.12 9.71 -6.66
CA LYS B 108 -32.29 11.14 -6.26
C LYS B 108 -31.08 11.61 -5.45
N THR B 109 -30.31 10.71 -4.81
CA THR B 109 -29.12 11.09 -4.00
C THR B 109 -27.95 11.39 -4.94
N GLY B 110 -28.04 11.04 -6.23
CA GLY B 110 -26.96 11.22 -7.22
C GLY B 110 -26.12 9.96 -7.38
N VAL B 111 -26.38 8.93 -6.59
CA VAL B 111 -25.73 7.58 -6.68
C VAL B 111 -26.14 6.92 -7.99
N ARG B 112 -25.22 6.21 -8.63
CA ARG B 112 -25.56 5.40 -9.83
C ARG B 112 -26.16 4.08 -9.37
N VAL B 113 -27.42 3.82 -9.70
CA VAL B 113 -28.11 2.63 -9.18
C VAL B 113 -29.03 2.06 -10.26
N GLN B 114 -29.00 0.74 -10.42
CA GLN B 114 -29.88 0.00 -11.35
C GLN B 114 -30.63 -1.08 -10.56
N ALA B 115 -31.92 -1.28 -10.86
CA ALA B 115 -32.75 -2.37 -10.31
C ALA B 115 -33.06 -3.37 -11.43
N HIS B 116 -32.87 -4.67 -11.15
CA HIS B 116 -33.06 -5.80 -12.09
C HIS B 116 -34.18 -6.70 -11.60
N ASN B 117 -35.15 -6.94 -12.48
CA ASN B 117 -36.20 -7.95 -12.27
C ASN B 117 -36.07 -8.91 -13.44
N ILE B 118 -35.08 -9.80 -13.36
CA ILE B 118 -34.64 -10.70 -14.47
C ILE B 118 -34.59 -12.12 -13.92
N LYS B 119 -35.39 -13.01 -14.50
CA LYS B 119 -35.53 -14.43 -14.08
C LYS B 119 -34.16 -15.09 -13.89
N SER B 120 -33.24 -14.89 -14.83
CA SER B 120 -31.95 -15.63 -14.90
C SER B 120 -30.88 -14.93 -14.04
N LEU B 121 -31.18 -13.81 -13.39
CA LEU B 121 -30.21 -13.18 -12.47
C LEU B 121 -30.40 -13.81 -11.09
N GLU B 122 -29.43 -14.64 -10.68
CA GLU B 122 -29.58 -15.56 -9.53
C GLU B 122 -29.12 -14.86 -8.25
N LEU B 123 -29.67 -15.24 -7.12
CA LEU B 123 -29.21 -14.77 -5.80
C LEU B 123 -27.74 -15.16 -5.60
N GLU B 124 -26.93 -14.26 -5.07
N GLU B 124 -26.95 -14.24 -5.05
CA GLU B 124 -25.52 -14.56 -4.72
CA GLU B 124 -25.54 -14.51 -4.66
C GLU B 124 -25.44 -15.12 -3.29
C GLU B 124 -25.47 -15.16 -3.27
N TYR B 125 -24.29 -15.67 -2.95
CA TYR B 125 -24.04 -16.53 -1.78
C TYR B 125 -24.33 -15.76 -0.50
N GLY B 126 -23.97 -14.48 -0.42
CA GLY B 126 -24.18 -13.69 0.81
C GLY B 126 -25.67 -13.51 1.11
N THR B 127 -26.52 -13.69 0.11
CA THR B 127 -27.99 -13.70 0.29
C THR B 127 -28.50 -15.13 0.56
N LEU B 128 -27.99 -16.15 -0.15
CA LEU B 128 -28.47 -17.56 -0.02
C LEU B 128 -28.27 -18.08 1.41
N VAL B 129 -27.16 -17.69 2.05
CA VAL B 129 -26.80 -18.28 3.36
C VAL B 129 -27.84 -17.87 4.40
N PRO B 130 -28.09 -16.56 4.65
CA PRO B 130 -29.11 -16.17 5.62
C PRO B 130 -30.49 -16.71 5.22
N MET B 131 -30.86 -16.66 3.93
CA MET B 131 -32.20 -17.20 3.55
C MET B 131 -32.29 -18.69 3.91
N ARG B 132 -31.18 -19.45 3.81
CA ARG B 132 -31.15 -20.92 4.14
C ARG B 132 -31.53 -21.15 5.62
N TYR B 133 -31.02 -20.34 6.55
CA TYR B 133 -31.25 -20.51 8.02
C TYR B 133 -32.50 -19.78 8.51
N MET B 134 -32.98 -18.74 7.82
CA MET B 134 -34.08 -17.89 8.33
C MET B 134 -35.40 -18.07 7.59
N ASN B 135 -35.36 -18.51 6.31
CA ASN B 135 -36.48 -18.27 5.36
C ASN B 135 -36.86 -19.53 4.57
N GLN B 136 -36.67 -20.73 5.10
CA GLN B 136 -36.94 -21.97 4.31
C GLN B 136 -38.45 -22.11 4.03
N ASP B 137 -39.31 -21.62 4.92
CA ASP B 137 -40.79 -21.63 4.79
C ASP B 137 -41.31 -20.42 3.97
N ARG B 138 -40.43 -19.58 3.41
CA ARG B 138 -40.80 -18.44 2.52
C ARG B 138 -41.68 -17.43 3.25
N ARG B 139 -41.41 -17.23 4.54
N ARG B 139 -41.41 -17.21 4.55
CA ARG B 139 -42.08 -16.20 5.39
CA ARG B 139 -42.10 -16.19 5.38
C ARG B 139 -41.78 -14.79 4.85
C ARG B 139 -41.78 -14.78 4.84
N PHE B 140 -40.58 -14.58 4.29
CA PHE B 140 -40.03 -13.26 3.90
C PHE B 140 -39.76 -13.16 2.39
N LYS B 141 -40.11 -12.03 1.80
CA LYS B 141 -39.63 -11.65 0.44
C LYS B 141 -38.18 -11.22 0.63
N VAL B 142 -37.38 -11.36 -0.40
CA VAL B 142 -35.94 -10.99 -0.34
C VAL B 142 -35.62 -10.13 -1.56
N VAL B 143 -34.79 -9.12 -1.33
CA VAL B 143 -34.14 -8.26 -2.35
C VAL B 143 -32.64 -8.27 -2.01
N SER B 144 -31.79 -8.35 -3.02
CA SER B 144 -30.33 -8.37 -2.85
C SER B 144 -29.69 -7.12 -3.45
N VAL B 145 -28.65 -6.62 -2.81
CA VAL B 145 -27.86 -5.44 -3.29
C VAL B 145 -26.40 -5.85 -3.41
N SER B 146 -25.76 -5.46 -4.51
CA SER B 146 -24.33 -5.69 -4.81
C SER B 146 -23.49 -4.87 -3.83
N ALA B 147 -22.76 -5.55 -2.94
CA ALA B 147 -21.88 -4.90 -1.94
C ALA B 147 -20.40 -5.32 -2.06
N PHE B 148 -20.02 -6.12 -3.05
CA PHE B 148 -18.60 -6.29 -3.48
C PHE B 148 -18.34 -5.29 -4.61
N CYS B 149 -17.97 -4.08 -4.23
CA CYS B 149 -17.91 -2.87 -5.07
C CYS B 149 -16.43 -2.51 -5.25
N THR B 150 -15.88 -2.72 -6.45
CA THR B 150 -14.41 -2.70 -6.65
C THR B 150 -13.88 -1.27 -6.85
N SER B 151 -14.74 -0.31 -7.21
CA SER B 151 -14.34 0.99 -7.78
C SER B 151 -15.30 2.10 -7.30
N HIS B 152 -15.73 2.02 -6.04
CA HIS B 152 -16.89 2.76 -5.50
C HIS B 152 -16.49 3.52 -4.24
N SER B 153 -17.15 4.65 -3.99
CA SER B 153 -16.96 5.47 -2.78
C SER B 153 -17.82 4.92 -1.65
N LEU B 154 -17.24 4.76 -0.46
CA LEU B 154 -18.00 4.44 0.76
C LEU B 154 -19.04 5.53 1.08
N GLN B 155 -18.80 6.79 0.71
CA GLN B 155 -19.81 7.88 0.85
C GLN B 155 -21.03 7.61 -0.04
N ASP B 156 -20.84 6.98 -1.20
CA ASP B 156 -21.97 6.57 -2.06
C ASP B 156 -22.72 5.37 -1.44
N SER B 157 -22.02 4.41 -0.82
CA SER B 157 -22.67 3.31 -0.09
C SER B 157 -23.47 3.91 1.07
N ARG B 158 -22.93 4.93 1.74
CA ARG B 158 -23.68 5.70 2.77
C ARG B 158 -24.97 6.24 2.15
N LYS B 159 -24.87 6.85 0.97
CA LYS B 159 -26.03 7.50 0.30
C LYS B 159 -27.03 6.44 -0.15
N PHE B 160 -26.54 5.28 -0.59
CA PHE B 160 -27.41 4.11 -0.91
C PHE B 160 -28.27 3.79 0.32
N GLY B 161 -27.67 3.68 1.50
CA GLY B 161 -28.45 3.38 2.72
C GLY B 161 -29.44 4.50 3.04
N GLU B 162 -29.01 5.74 2.89
CA GLU B 162 -29.85 6.95 3.12
C GLU B 162 -31.07 6.90 2.19
N GLY B 163 -30.85 6.65 0.91
CA GLY B 163 -31.94 6.54 -0.08
C GLY B 163 -32.89 5.39 0.24
N LEU B 164 -32.35 4.24 0.64
CA LEU B 164 -33.11 3.03 1.04
C LEU B 164 -34.14 3.42 2.12
N ILE B 165 -33.76 4.22 3.12
CA ILE B 165 -34.73 4.65 4.18
C ILE B 165 -35.92 5.34 3.48
N LYS B 166 -35.67 6.17 2.47
CA LYS B 166 -36.73 6.94 1.75
C LYS B 166 -37.64 5.96 1.02
N ALA B 167 -37.06 4.93 0.39
CA ALA B 167 -37.80 3.90 -0.38
C ALA B 167 -38.72 3.15 0.58
N ILE B 168 -38.20 2.78 1.73
CA ILE B 168 -38.95 2.03 2.78
C ILE B 168 -40.12 2.91 3.25
N GLU B 169 -39.91 4.22 3.44
CA GLU B 169 -40.96 5.18 3.90
C GLU B 169 -42.14 5.14 2.91
N ARG B 170 -41.87 4.94 1.61
CA ARG B 170 -42.90 4.93 0.53
C ARG B 170 -43.52 3.53 0.40
N TYR B 171 -42.88 2.50 0.96
CA TYR B 171 -43.28 1.08 0.76
C TYR B 171 -44.35 0.72 1.80
N ASP B 172 -45.35 -0.05 1.38
CA ASP B 172 -46.43 -0.45 2.32
C ASP B 172 -46.02 -1.75 3.03
N GLY B 173 -45.14 -1.65 4.02
CA GLY B 173 -44.77 -2.81 4.85
C GLY B 173 -43.54 -2.56 5.70
N ASN B 174 -43.14 -3.58 6.46
CA ASN B 174 -42.03 -3.52 7.43
C ASN B 174 -40.82 -4.17 6.75
N VAL B 175 -39.64 -3.57 6.89
CA VAL B 175 -38.43 -4.07 6.17
C VAL B 175 -37.31 -4.29 7.19
N ALA B 176 -36.51 -5.35 7.01
CA ALA B 176 -35.27 -5.60 7.76
C ALA B 176 -34.13 -5.47 6.77
N ILE B 177 -32.96 -5.01 7.24
CA ILE B 177 -31.75 -4.92 6.36
C ILE B 177 -30.60 -5.68 7.00
N PHE B 178 -29.83 -6.41 6.17
CA PHE B 178 -28.68 -7.23 6.64
C PHE B 178 -27.46 -6.83 5.83
N ALA B 179 -26.40 -6.39 6.49
CA ALA B 179 -25.05 -6.35 5.90
C ALA B 179 -24.46 -7.75 6.02
N SER B 180 -24.39 -8.50 4.93
CA SER B 180 -23.87 -9.90 4.89
C SER B 180 -22.42 -9.85 4.42
N GLY B 181 -21.50 -10.04 5.36
CA GLY B 181 -20.05 -9.83 5.14
C GLY B 181 -19.25 -10.00 6.40
N SER B 182 -18.11 -9.32 6.48
CA SER B 182 -17.04 -9.68 7.41
C SER B 182 -16.66 -8.46 8.25
N LEU B 183 -15.85 -8.70 9.27
CA LEU B 183 -14.93 -7.68 9.81
C LEU B 183 -13.72 -7.64 8.90
N SER B 184 -12.50 -7.90 9.42
CA SER B 184 -11.28 -8.10 8.57
C SER B 184 -11.52 -9.31 7.66
N HIS B 185 -10.95 -9.32 6.46
CA HIS B 185 -11.11 -10.46 5.52
C HIS B 185 -9.80 -10.70 4.77
N ARG B 186 -8.70 -10.78 5.53
CA ARG B 186 -7.39 -11.26 5.03
C ARG B 186 -7.44 -12.79 5.11
N PHE B 187 -7.96 -13.43 4.06
CA PHE B 187 -8.17 -14.89 4.00
C PHE B 187 -6.82 -15.61 4.21
N ILE B 188 -6.81 -16.73 4.95
CA ILE B 188 -5.57 -17.50 5.30
C ILE B 188 -4.82 -17.83 4.00
N TRP B 189 -3.49 -17.67 3.99
CA TRP B 189 -2.61 -17.97 2.84
C TRP B 189 -2.75 -19.45 2.46
N ASP B 190 -2.73 -19.72 1.16
CA ASP B 190 -2.89 -21.08 0.59
C ASP B 190 -1.84 -22.04 1.20
N TRP B 191 -0.63 -21.57 1.50
CA TRP B 191 0.47 -22.42 2.05
C TRP B 191 0.28 -22.69 3.56
N GLU B 192 -0.77 -22.17 4.19
CA GLU B 192 -0.98 -22.29 5.67
C GLU B 192 -2.26 -23.10 5.93
N ALA B 193 -2.62 -23.96 5.00
CA ALA B 193 -3.84 -24.82 5.05
C ALA B 193 -3.85 -25.65 6.34
N GLN B 194 -2.65 -26.03 6.82
CA GLN B 194 -2.45 -26.95 7.96
C GLN B 194 -3.06 -26.38 9.24
N ARG B 195 -3.08 -25.05 9.40
CA ARG B 195 -3.56 -24.37 10.63
C ARG B 195 -5.08 -24.46 10.75
N GLY B 196 -5.78 -24.84 9.67
CA GLY B 196 -7.24 -25.09 9.69
C GLY B 196 -8.06 -23.80 9.68
N MET B 197 -9.28 -23.88 10.20
CA MET B 197 -10.40 -22.98 9.84
C MET B 197 -10.69 -21.97 10.97
N ASP B 198 -10.00 -22.06 12.12
CA ASP B 198 -10.39 -21.32 13.34
C ASP B 198 -9.26 -20.39 13.80
N THR B 199 -8.51 -19.80 12.88
CA THR B 199 -7.42 -18.86 13.20
C THR B 199 -7.52 -17.62 12.33
N TYR B 200 -6.96 -16.51 12.81
CA TYR B 200 -6.66 -15.29 12.02
C TYR B 200 -5.33 -15.48 11.28
N THR B 201 -5.23 -14.94 10.07
CA THR B 201 -3.98 -14.93 9.29
C THR B 201 -2.95 -14.06 10.01
N ARG B 202 -3.39 -12.90 10.50
CA ARG B 202 -2.48 -11.88 11.10
C ARG B 202 -3.01 -11.47 12.47
N GLU B 203 -2.15 -11.47 13.48
CA GLU B 203 -2.55 -10.96 14.82
C GLU B 203 -3.10 -9.53 14.64
N TRP B 204 -2.53 -8.75 13.72
CA TRP B 204 -2.93 -7.36 13.42
C TRP B 204 -4.46 -7.33 13.19
N ASP B 205 -4.95 -8.23 12.36
CA ASP B 205 -6.39 -8.23 12.01
C ASP B 205 -7.20 -8.55 13.26
N ARG B 206 -6.74 -9.56 14.01
CA ARG B 206 -7.40 -10.02 15.27
C ARG B 206 -7.58 -8.80 16.20
N GLN B 207 -6.52 -8.04 16.40
CA GLN B 207 -6.50 -6.92 17.39
C GLN B 207 -7.33 -5.72 16.90
N VAL B 208 -7.20 -5.33 15.64
CA VAL B 208 -8.06 -4.25 15.08
C VAL B 208 -9.55 -4.65 15.23
N ASP B 209 -9.90 -5.90 14.85
CA ASP B 209 -11.28 -6.43 14.93
C ASP B 209 -11.78 -6.35 16.37
N LYS B 210 -10.95 -6.67 17.37
CA LYS B 210 -11.34 -6.58 18.81
C LYS B 210 -11.62 -5.11 19.15
N HIS B 211 -10.79 -4.19 18.67
CA HIS B 211 -11.02 -2.74 18.94
C HIS B 211 -12.33 -2.28 18.27
N VAL B 212 -12.54 -2.65 17.02
CA VAL B 212 -13.77 -2.29 16.27
C VAL B 212 -15.01 -2.79 17.01
N VAL B 213 -15.05 -4.06 17.45
CA VAL B 213 -16.22 -4.61 18.18
C VAL B 213 -16.44 -3.81 19.48
N LYS B 214 -15.37 -3.43 20.16
CA LYS B 214 -15.48 -2.57 21.37
C LYS B 214 -16.16 -1.25 20.98
N MET B 215 -15.73 -0.62 19.89
CA MET B 215 -16.29 0.66 19.42
C MET B 215 -17.80 0.48 19.16
N TRP B 216 -18.18 -0.61 18.48
CA TRP B 216 -19.60 -0.88 18.15
C TRP B 216 -20.41 -1.00 19.44
N GLU B 217 -19.89 -1.77 20.41
CA GLU B 217 -20.57 -2.04 21.70
C GLU B 217 -20.72 -0.72 22.47
N ASN B 218 -19.83 0.24 22.27
CA ASN B 218 -19.85 1.53 23.00
C ASN B 218 -20.46 2.66 22.16
N ALA B 219 -21.04 2.36 20.99
CA ALA B 219 -21.74 3.38 20.16
C ALA B 219 -20.78 4.51 19.74
N GLU B 220 -19.52 4.19 19.50
CA GLU B 220 -18.53 5.18 18.99
C GLU B 220 -18.68 5.25 17.47
N TRP B 221 -19.86 5.62 16.98
CA TRP B 221 -20.16 5.53 15.54
C TRP B 221 -19.51 6.68 14.75
N ALA B 222 -19.36 7.87 15.32
CA ALA B 222 -18.73 9.00 14.60
C ALA B 222 -17.27 8.61 14.31
N GLU B 223 -16.60 8.07 15.31
CA GLU B 223 -15.19 7.63 15.18
C GLU B 223 -15.12 6.44 14.21
N PHE B 224 -16.02 5.48 14.34
CA PHE B 224 -15.95 4.25 13.51
C PHE B 224 -16.14 4.63 12.05
N CYS B 225 -17.14 5.48 11.77
CA CYS B 225 -17.43 5.94 10.39
C CYS B 225 -16.20 6.65 9.85
N ALA B 226 -15.55 7.50 10.66
CA ALA B 226 -14.40 8.28 10.21
C ALA B 226 -13.25 7.33 9.82
N MET B 227 -13.06 6.19 10.53
CA MET B 227 -11.91 5.28 10.31
C MET B 227 -12.26 4.17 9.30
N LEU B 228 -13.49 4.12 8.77
CA LEU B 228 -13.93 2.95 7.97
C LEU B 228 -13.11 2.82 6.68
N PRO B 229 -12.73 3.91 5.98
CA PRO B 229 -11.93 3.79 4.76
C PRO B 229 -10.57 3.11 5.01
N GLU B 230 -9.90 3.47 6.12
CA GLU B 230 -8.60 2.83 6.49
C GLU B 230 -8.83 1.38 6.92
N TYR B 231 -9.80 1.10 7.79
CA TYR B 231 -10.12 -0.29 8.20
C TYR B 231 -10.32 -1.17 6.95
N ALA B 232 -11.08 -0.70 5.95
CA ALA B 232 -11.44 -1.53 4.79
C ALA B 232 -10.16 -1.84 3.99
N GLU B 233 -9.26 -0.87 3.96
CA GLU B 233 -8.01 -1.00 3.16
C GLU B 233 -7.02 -1.89 3.92
N TYR B 234 -6.69 -1.54 5.16
CA TYR B 234 -5.57 -2.18 5.90
C TYR B 234 -5.95 -3.56 6.48
N CYS B 235 -7.25 -3.88 6.58
CA CYS B 235 -7.74 -5.17 7.11
C CYS B 235 -8.49 -5.95 6.01
N PHE B 236 -8.27 -5.59 4.74
CA PHE B 236 -8.72 -6.39 3.55
C PHE B 236 -10.22 -6.70 3.65
N GLY B 237 -11.05 -5.67 3.86
CA GLY B 237 -12.50 -5.87 4.03
C GLY B 237 -13.09 -6.67 2.87
N GLU B 238 -14.00 -7.57 3.19
CA GLU B 238 -14.74 -8.38 2.19
C GLU B 238 -15.59 -7.40 1.37
N GLY B 239 -15.28 -7.31 0.09
CA GLY B 239 -15.93 -6.40 -0.86
C GLY B 239 -15.69 -4.94 -0.53
N GLY B 240 -14.66 -4.61 0.25
CA GLY B 240 -14.31 -3.25 0.65
C GLY B 240 -15.18 -2.72 1.78
N MET B 241 -15.91 -3.59 2.51
CA MET B 241 -16.82 -3.19 3.62
C MET B 241 -17.93 -2.22 3.14
N HIS B 242 -18.38 -2.32 1.88
CA HIS B 242 -19.51 -1.49 1.39
C HIS B 242 -20.81 -1.91 2.09
N ASP B 243 -20.90 -3.18 2.48
CA ASP B 243 -22.07 -3.74 3.20
C ASP B 243 -22.21 -2.98 4.53
N THR B 244 -21.12 -2.85 5.27
CA THR B 244 -21.05 -2.12 6.55
C THR B 244 -21.47 -0.65 6.34
N ALA B 245 -21.01 -0.02 5.27
CA ALA B 245 -21.26 1.39 4.92
C ALA B 245 -22.75 1.59 4.56
N MET B 246 -23.37 0.64 3.84
CA MET B 246 -24.79 0.71 3.42
C MET B 246 -25.66 0.67 4.68
N LEU B 247 -25.28 -0.21 5.60
CA LEU B 247 -26.00 -0.40 6.87
C LEU B 247 -25.86 0.87 7.70
N LEU B 248 -24.66 1.40 7.87
CA LEU B 248 -24.51 2.61 8.72
C LEU B 248 -25.19 3.80 8.04
N GLY B 249 -25.17 3.88 6.71
CA GLY B 249 -25.90 4.92 5.97
C GLY B 249 -27.37 4.94 6.32
N ALA B 250 -28.00 3.78 6.33
CA ALA B 250 -29.44 3.62 6.65
C ALA B 250 -29.68 4.01 8.13
N LEU B 251 -28.68 3.89 8.99
CA LEU B 251 -28.86 4.04 10.46
C LEU B 251 -28.57 5.49 10.92
N GLY B 252 -27.87 6.31 10.11
CA GLY B 252 -27.60 7.73 10.41
C GLY B 252 -26.12 8.09 10.38
N TRP B 253 -25.25 7.12 10.09
CA TRP B 253 -23.79 7.38 9.86
C TRP B 253 -23.20 7.94 11.16
N ASP B 254 -22.55 9.12 11.14
CA ASP B 254 -21.87 9.68 12.34
C ASP B 254 -22.90 10.17 13.37
N LYS B 255 -24.19 10.21 13.04
CA LYS B 255 -25.22 10.59 14.05
C LYS B 255 -25.81 9.34 14.69
N TYR B 256 -25.48 8.13 14.19
CA TYR B 256 -25.95 6.87 14.81
C TYR B 256 -25.41 6.81 16.24
N ASN B 257 -26.25 6.42 17.20
CA ASN B 257 -25.91 6.61 18.63
C ASN B 257 -26.32 5.38 19.45
N GLN B 258 -26.64 4.22 18.84
CA GLN B 258 -27.11 3.02 19.59
C GLN B 258 -25.99 2.00 19.73
N PRO B 259 -25.80 1.40 20.93
CA PRO B 259 -24.80 0.36 21.11
C PRO B 259 -25.20 -0.90 20.32
N ALA B 260 -24.29 -1.50 19.55
CA ALA B 260 -24.57 -2.76 18.82
C ALA B 260 -24.86 -3.87 19.85
N GLU B 261 -25.78 -4.76 19.53
CA GLU B 261 -26.08 -5.96 20.33
C GLU B 261 -25.40 -7.17 19.65
N ILE B 262 -24.40 -7.76 20.30
CA ILE B 262 -23.57 -8.86 19.72
C ILE B 262 -24.33 -10.18 19.86
N ILE B 263 -24.93 -10.64 18.77
CA ILE B 263 -25.73 -11.91 18.77
C ILE B 263 -24.77 -13.10 18.79
N THR B 264 -23.72 -13.12 17.98
CA THR B 264 -22.65 -14.14 17.98
C THR B 264 -21.31 -13.44 18.17
N PRO B 265 -20.55 -13.69 19.27
CA PRO B 265 -19.24 -13.07 19.45
C PRO B 265 -18.33 -13.24 18.24
N ALA B 266 -17.44 -12.28 18.01
CA ALA B 266 -16.49 -12.30 16.89
C ALA B 266 -15.72 -13.62 16.94
N PHE B 267 -15.54 -14.26 15.79
CA PHE B 267 -14.78 -15.52 15.66
C PHE B 267 -13.94 -15.44 14.38
N PRO B 268 -12.75 -16.05 14.39
CA PRO B 268 -11.97 -16.26 13.17
C PRO B 268 -12.63 -17.33 12.31
N SER B 269 -12.54 -17.16 11.00
CA SER B 269 -12.97 -18.19 10.03
C SER B 269 -12.08 -18.09 8.80
N SER B 270 -11.20 -19.07 8.63
CA SER B 270 -10.23 -19.15 7.51
C SER B 270 -9.42 -17.86 7.42
N GLY B 271 -9.00 -17.32 8.57
CA GLY B 271 -8.11 -16.15 8.59
C GLY B 271 -8.86 -14.84 8.78
N THR B 272 -10.19 -14.85 8.63
CA THR B 272 -11.07 -13.64 8.53
C THR B 272 -11.86 -13.48 9.83
N GLY B 273 -12.36 -12.27 10.10
CA GLY B 273 -13.18 -11.95 11.28
C GLY B 273 -14.66 -11.92 10.94
N GLN B 274 -15.45 -12.61 11.76
CA GLN B 274 -16.88 -12.85 11.53
C GLN B 274 -17.64 -12.49 12.80
N ILE B 275 -18.85 -11.96 12.63
CA ILE B 275 -19.70 -11.57 13.78
C ILE B 275 -21.16 -11.59 13.32
N ASN B 276 -22.07 -11.82 14.27
CA ASN B 276 -23.50 -11.51 14.09
C ASN B 276 -23.82 -10.43 15.12
N ALA B 277 -24.44 -9.33 14.68
CA ALA B 277 -24.75 -8.18 15.56
C ALA B 277 -26.03 -7.49 15.09
N ILE B 278 -26.92 -7.17 16.03
CA ILE B 278 -28.11 -6.32 15.78
C ILE B 278 -27.69 -4.88 16.05
N PHE B 279 -28.11 -3.97 15.17
CA PHE B 279 -27.88 -2.51 15.26
C PHE B 279 -29.24 -1.91 15.61
N PRO B 280 -29.54 -1.65 16.90
CA PRO B 280 -30.86 -1.15 17.28
C PRO B 280 -31.18 0.19 16.61
N LEU B 281 -32.44 0.45 16.28
CA LEU B 281 -32.86 1.65 15.51
C LEU B 281 -32.96 2.87 16.42
N MET B 282 -32.65 4.05 15.89
CA MET B 282 -32.74 5.30 16.68
C MET B 282 -34.22 5.65 16.86
N PRO B 283 -34.66 6.11 18.06
CA PRO B 283 -36.04 6.58 18.27
C PRO B 283 -36.66 7.55 17.25
N GLY C 2 1.18 -36.32 -25.28
CA GLY C 2 0.71 -35.24 -26.21
C GLY C 2 1.64 -34.05 -26.23
N LYS C 3 1.18 -32.92 -26.79
CA LYS C 3 2.03 -31.77 -27.18
C LYS C 3 1.31 -30.44 -26.88
N LEU C 4 1.99 -29.47 -26.28
CA LEU C 4 1.50 -28.06 -26.26
C LEU C 4 1.81 -27.46 -27.64
N VAL C 5 0.83 -26.92 -28.36
CA VAL C 5 1.05 -26.40 -29.74
C VAL C 5 0.77 -24.89 -29.85
N LEU C 6 0.10 -24.27 -28.87
CA LEU C 6 -0.18 -22.81 -28.87
C LEU C 6 -0.38 -22.31 -27.45
N ALA C 7 0.17 -21.13 -27.18
CA ALA C 7 -0.02 -20.39 -25.91
C ALA C 7 -0.40 -18.94 -26.22
N ALA C 8 -1.34 -18.35 -25.44
CA ALA C 8 -1.81 -16.99 -25.71
C ALA C 8 -2.22 -16.30 -24.42
N LYS C 9 -2.04 -14.99 -24.39
CA LYS C 9 -2.71 -14.09 -23.42
C LYS C 9 -3.87 -13.42 -24.18
N ILE C 10 -5.08 -13.48 -23.63
CA ILE C 10 -6.29 -12.96 -24.32
C ILE C 10 -7.14 -12.17 -23.34
N THR C 11 -7.89 -11.20 -23.85
CA THR C 11 -8.89 -10.41 -23.08
C THR C 11 -10.24 -11.16 -23.01
N HIS C 12 -11.04 -10.88 -22.00
CA HIS C 12 -12.43 -11.42 -21.85
C HIS C 12 -13.40 -10.30 -21.43
N VAL C 13 -13.08 -9.04 -21.74
CA VAL C 13 -13.86 -7.88 -21.23
C VAL C 13 -15.32 -8.04 -21.68
N PRO C 14 -16.28 -7.65 -20.81
CA PRO C 14 -17.70 -7.72 -21.16
C PRO C 14 -18.04 -6.86 -22.38
N SER C 15 -17.27 -5.81 -22.65
CA SER C 15 -17.48 -4.90 -23.81
C SER C 15 -17.37 -5.69 -25.13
N MET C 16 -16.81 -6.90 -25.13
CA MET C 16 -16.77 -7.75 -26.37
C MET C 16 -18.21 -8.16 -26.72
N TYR C 17 -18.99 -8.60 -25.74
CA TYR C 17 -20.42 -8.92 -25.98
C TYR C 17 -21.19 -7.63 -26.30
N LEU C 18 -20.93 -6.52 -25.60
CA LEU C 18 -21.61 -5.21 -25.87
C LEU C 18 -21.37 -4.82 -27.33
N SER C 19 -20.19 -5.11 -27.88
CA SER C 19 -19.81 -4.75 -29.28
C SER C 19 -20.77 -5.41 -30.28
N GLU C 20 -21.32 -6.57 -29.94
CA GLU C 20 -22.19 -7.35 -30.85
C GLU C 20 -23.61 -6.77 -30.88
N LEU C 21 -23.97 -5.93 -29.90
CA LEU C 21 -25.37 -5.49 -29.71
C LEU C 21 -25.61 -4.19 -30.46
N PRO C 22 -26.84 -3.99 -30.98
CA PRO C 22 -27.27 -2.69 -31.48
C PRO C 22 -27.10 -1.58 -30.42
N GLY C 23 -26.60 -0.42 -30.85
CA GLY C 23 -26.49 0.74 -29.96
C GLY C 23 -25.29 1.59 -30.35
N PRO C 24 -25.02 2.72 -29.65
CA PRO C 24 -23.86 3.54 -29.97
C PRO C 24 -22.51 2.82 -29.78
N HIS C 25 -22.47 1.71 -29.02
CA HIS C 25 -21.23 0.92 -28.74
C HIS C 25 -21.02 -0.23 -29.74
N GLN C 26 -21.89 -0.40 -30.74
CA GLN C 26 -21.80 -1.58 -31.63
C GLN C 26 -20.47 -1.48 -32.37
N GLY C 27 -19.68 -2.58 -32.41
CA GLY C 27 -18.39 -2.67 -33.09
C GLY C 27 -17.24 -2.09 -32.29
N CYS C 28 -17.47 -1.60 -31.06
CA CYS C 28 -16.41 -0.94 -30.25
C CYS C 28 -15.29 -1.93 -29.87
N ARG C 29 -15.52 -3.25 -29.97
CA ARG C 29 -14.48 -4.27 -29.61
C ARG C 29 -14.28 -5.24 -30.77
N GLN C 30 -14.53 -4.79 -31.99
CA GLN C 30 -14.38 -5.67 -33.17
C GLN C 30 -12.94 -6.19 -33.23
N ALA C 31 -11.94 -5.35 -32.99
CA ALA C 31 -10.53 -5.81 -33.10
C ALA C 31 -10.26 -6.90 -32.05
N ALA C 32 -10.78 -6.79 -30.83
CA ALA C 32 -10.57 -7.82 -29.77
C ALA C 32 -11.21 -9.14 -30.21
N ILE C 33 -12.41 -9.08 -30.78
CA ILE C 33 -13.13 -10.26 -31.32
C ILE C 33 -12.30 -10.88 -32.45
N ASP C 34 -11.79 -10.07 -33.37
CA ASP C 34 -10.94 -10.53 -34.49
C ASP C 34 -9.77 -11.35 -33.93
N GLY C 35 -9.12 -10.88 -32.86
CA GLY C 35 -7.98 -11.55 -32.20
C GLY C 35 -8.33 -12.93 -31.71
N HIS C 36 -9.46 -13.06 -30.99
CA HIS C 36 -9.99 -14.37 -30.54
C HIS C 36 -10.13 -15.31 -31.75
N LYS C 37 -10.78 -14.85 -32.81
CA LYS C 37 -11.13 -15.69 -33.97
C LYS C 37 -9.84 -16.05 -34.70
N GLU C 38 -8.88 -15.12 -34.75
CA GLU C 38 -7.56 -15.44 -35.35
C GLU C 38 -6.91 -16.56 -34.50
N ILE C 39 -6.89 -16.44 -33.17
CA ILE C 39 -6.22 -17.43 -32.28
C ILE C 39 -6.94 -18.78 -32.45
N GLY C 40 -8.28 -18.78 -32.51
CA GLY C 40 -9.11 -19.96 -32.77
C GLY C 40 -8.68 -20.65 -34.05
N GLN C 41 -8.51 -19.87 -35.12
CA GLN C 41 -8.17 -20.41 -36.45
C GLN C 41 -6.78 -21.07 -36.36
N ARG C 42 -5.80 -20.46 -35.69
CA ARG C 42 -4.46 -21.05 -35.50
C ARG C 42 -4.55 -22.38 -34.74
N CYS C 43 -5.44 -22.51 -33.75
CA CYS C 43 -5.70 -23.76 -32.99
C CYS C 43 -6.27 -24.85 -33.92
N ARG C 44 -7.12 -24.47 -34.88
CA ARG C 44 -7.65 -25.38 -35.91
C ARG C 44 -6.50 -25.81 -36.83
N ASP C 45 -5.67 -24.86 -37.25
CA ASP C 45 -4.54 -25.09 -38.20
C ASP C 45 -3.55 -26.08 -37.55
N LEU C 46 -3.39 -26.02 -36.22
CA LEU C 46 -2.40 -26.83 -35.45
C LEU C 46 -3.02 -28.08 -34.84
N ASP C 47 -4.26 -28.40 -35.22
N ASP C 47 -4.25 -28.44 -35.24
CA ASP C 47 -4.97 -29.65 -34.82
CA ASP C 47 -4.95 -29.68 -34.81
C ASP C 47 -5.05 -29.74 -33.28
C ASP C 47 -5.08 -29.75 -33.28
N VAL C 48 -5.44 -28.65 -32.63
CA VAL C 48 -5.67 -28.61 -31.15
C VAL C 48 -6.93 -29.42 -30.89
N ASP C 49 -6.92 -30.30 -29.89
CA ASP C 49 -8.18 -30.99 -29.55
C ASP C 49 -8.72 -30.49 -28.22
N THR C 50 -7.87 -30.00 -27.30
CA THR C 50 -8.34 -29.44 -25.99
C THR C 50 -7.72 -28.07 -25.74
N ILE C 51 -8.52 -27.16 -25.19
CA ILE C 51 -8.04 -25.82 -24.78
C ILE C 51 -8.13 -25.78 -23.26
N VAL C 52 -7.05 -25.38 -22.58
CA VAL C 52 -7.04 -25.12 -21.12
C VAL C 52 -7.06 -23.59 -20.94
N VAL C 53 -8.04 -23.07 -20.22
CA VAL C 53 -8.11 -21.60 -19.97
C VAL C 53 -7.78 -21.37 -18.50
N PHE C 54 -6.80 -20.52 -18.24
CA PHE C 54 -6.52 -19.89 -16.94
C PHE C 54 -7.49 -18.69 -16.80
N ASP C 55 -8.56 -18.89 -16.04
CA ASP C 55 -9.74 -17.98 -16.01
C ASP C 55 -9.56 -17.02 -14.84
N SER C 56 -9.13 -15.78 -15.12
CA SER C 56 -8.94 -14.73 -14.08
C SER C 56 -10.29 -14.15 -13.63
N HIS C 57 -11.42 -14.71 -14.06
CA HIS C 57 -12.77 -14.34 -13.55
C HIS C 57 -13.25 -15.34 -12.49
N TRP C 58 -12.60 -16.52 -12.35
CA TRP C 58 -13.01 -17.57 -11.38
C TRP C 58 -12.29 -17.38 -10.05
N LEU C 59 -12.98 -16.88 -9.05
CA LEU C 59 -12.38 -16.48 -7.75
C LEU C 59 -12.30 -17.71 -6.83
N VAL C 60 -11.14 -17.97 -6.24
CA VAL C 60 -10.92 -19.03 -5.21
C VAL C 60 -10.07 -18.45 -4.08
N ASN C 61 -10.33 -18.87 -2.87
CA ASN C 61 -9.55 -18.45 -1.69
C ASN C 61 -8.51 -19.51 -1.31
N SER C 62 -8.78 -20.78 -1.64
CA SER C 62 -8.01 -21.97 -1.16
C SER C 62 -7.80 -22.95 -2.33
N ALA C 63 -6.54 -23.33 -2.55
CA ALA C 63 -6.08 -24.28 -3.59
C ALA C 63 -6.37 -23.74 -4.99
N PHE C 64 -5.84 -24.44 -5.99
CA PHE C 64 -6.12 -24.23 -7.42
C PHE C 64 -7.15 -25.26 -7.85
N HIS C 65 -8.19 -24.81 -8.54
CA HIS C 65 -9.29 -25.69 -8.96
C HIS C 65 -9.32 -25.85 -10.47
N ILE C 66 -9.57 -27.08 -10.91
CA ILE C 66 -9.70 -27.42 -12.35
C ILE C 66 -11.16 -27.80 -12.56
N ASN C 67 -11.85 -27.06 -13.43
CA ASN C 67 -13.17 -27.48 -13.95
C ASN C 67 -12.92 -28.36 -15.17
N CYS C 68 -12.93 -29.68 -14.99
CA CYS C 68 -12.74 -30.67 -16.08
C CYS C 68 -14.02 -31.49 -16.21
N GLY C 69 -15.17 -30.84 -16.09
CA GLY C 69 -16.50 -31.47 -16.28
C GLY C 69 -16.58 -32.09 -17.66
N GLU C 70 -17.37 -33.16 -17.80
CA GLU C 70 -17.50 -33.94 -19.07
C GLU C 70 -18.18 -33.07 -20.13
N HIS C 71 -19.24 -32.37 -19.75
CA HIS C 71 -20.09 -31.61 -20.68
C HIS C 71 -20.55 -30.32 -19.99
N PHE C 72 -20.51 -29.19 -20.72
CA PHE C 72 -20.93 -27.86 -20.23
C PHE C 72 -22.07 -27.35 -21.11
N LYS C 73 -23.26 -27.20 -20.54
CA LYS C 73 -24.43 -26.66 -21.28
C LYS C 73 -25.22 -25.74 -20.34
N GLY C 74 -25.57 -24.55 -20.79
CA GLY C 74 -26.33 -23.64 -19.93
C GLY C 74 -26.68 -22.34 -20.58
N ILE C 75 -27.19 -21.44 -19.75
CA ILE C 75 -27.59 -20.05 -20.08
C ILE C 75 -26.86 -19.17 -19.08
N TYR C 76 -26.09 -18.22 -19.59
CA TYR C 76 -25.30 -17.28 -18.77
C TYR C 76 -26.02 -15.92 -18.75
N THR C 77 -26.09 -15.33 -17.57
CA THR C 77 -26.46 -13.92 -17.33
C THR C 77 -25.37 -13.30 -16.46
N SER C 78 -24.83 -12.16 -16.89
CA SER C 78 -23.83 -11.39 -16.15
C SER C 78 -24.47 -10.85 -14.87
N ASN C 79 -23.74 -10.90 -13.77
CA ASN C 79 -24.17 -10.20 -12.54
C ASN C 79 -23.48 -8.81 -12.50
N GLU C 80 -22.58 -8.51 -13.46
CA GLU C 80 -21.94 -7.18 -13.62
C GLU C 80 -22.86 -6.29 -14.48
N LEU C 81 -23.48 -6.84 -15.54
CA LEU C 81 -24.30 -6.10 -16.54
C LEU C 81 -25.51 -6.94 -16.93
N PRO C 82 -26.43 -7.22 -15.99
CA PRO C 82 -27.55 -8.13 -16.26
C PRO C 82 -28.48 -7.75 -17.40
N HIS C 83 -28.72 -6.46 -17.62
N HIS C 83 -28.72 -6.46 -17.62
CA HIS C 83 -29.63 -5.95 -18.68
CA HIS C 83 -29.63 -5.96 -18.68
C HIS C 83 -29.12 -6.32 -20.08
C HIS C 83 -29.12 -6.33 -20.07
N PHE C 84 -27.80 -6.26 -20.29
CA PHE C 84 -27.18 -6.34 -21.66
C PHE C 84 -26.76 -7.77 -21.99
N ILE C 85 -26.12 -8.44 -21.02
CA ILE C 85 -25.56 -9.82 -21.16
C ILE C 85 -26.43 -10.76 -20.32
N LYS C 86 -27.50 -11.30 -20.91
CA LYS C 86 -28.41 -12.20 -20.16
C LYS C 86 -28.91 -13.27 -21.12
N ASP C 87 -29.23 -14.43 -20.56
CA ASP C 87 -29.84 -15.58 -21.29
C ASP C 87 -28.93 -15.97 -22.47
N MET C 88 -27.61 -15.87 -22.30
CA MET C 88 -26.61 -16.26 -23.33
C MET C 88 -26.41 -17.79 -23.30
N GLU C 89 -26.86 -18.48 -24.34
CA GLU C 89 -26.70 -19.94 -24.49
C GLU C 89 -25.25 -20.33 -24.82
N PHE C 90 -24.80 -21.46 -24.29
CA PHE C 90 -23.50 -22.06 -24.65
C PHE C 90 -23.56 -23.58 -24.48
N GLU C 91 -22.75 -24.31 -25.24
CA GLU C 91 -22.61 -25.78 -25.11
C GLU C 91 -21.24 -26.17 -25.67
N TYR C 92 -20.44 -26.84 -24.86
CA TYR C 92 -19.05 -27.26 -25.16
C TYR C 92 -18.78 -28.64 -24.53
N ASP C 93 -17.88 -29.39 -25.14
CA ASP C 93 -17.37 -30.70 -24.66
C ASP C 93 -16.22 -30.47 -23.68
N GLY C 94 -16.19 -31.24 -22.58
CA GLY C 94 -15.10 -31.21 -21.58
C GLY C 94 -14.03 -32.28 -21.84
N ASN C 95 -13.00 -32.32 -20.98
CA ASN C 95 -11.92 -33.35 -21.01
C ASN C 95 -11.56 -33.74 -19.59
N PRO C 96 -12.38 -34.58 -18.93
CA PRO C 96 -12.05 -35.12 -17.60
C PRO C 96 -10.69 -35.85 -17.55
N VAL C 97 -10.32 -36.54 -18.63
CA VAL C 97 -9.03 -37.32 -18.69
C VAL C 97 -7.85 -36.35 -18.54
N LEU C 98 -7.81 -35.24 -19.28
CA LEU C 98 -6.73 -34.23 -19.14
C LEU C 98 -6.79 -33.63 -17.75
N GLY C 99 -8.00 -33.30 -17.27
CA GLY C 99 -8.18 -32.72 -15.93
C GLY C 99 -7.51 -33.56 -14.85
N GLN C 100 -7.70 -34.88 -14.90
CA GLN C 100 -7.14 -35.82 -13.89
C GLN C 100 -5.61 -35.88 -13.99
N LEU C 101 -5.06 -35.89 -15.20
CA LEU C 101 -3.61 -35.88 -15.44
C LEU C 101 -3.05 -34.58 -14.83
N MET C 102 -3.73 -33.45 -15.07
CA MET C 102 -3.33 -32.12 -14.52
C MET C 102 -3.28 -32.16 -13.00
N GLN C 103 -4.33 -32.65 -12.37
CA GLN C 103 -4.38 -32.83 -10.90
C GLN C 103 -3.18 -33.71 -10.49
N GLU C 104 -2.94 -34.85 -11.15
CA GLU C 104 -1.88 -35.82 -10.71
C GLU C 104 -0.51 -35.14 -10.79
N GLU C 105 -0.17 -34.58 -11.93
CA GLU C 105 1.16 -33.99 -12.20
C GLU C 105 1.37 -32.66 -11.44
N ILE C 106 0.34 -31.83 -11.31
CA ILE C 106 0.51 -30.53 -10.58
C ILE C 106 0.65 -30.83 -9.09
N ALA C 107 -0.07 -31.84 -8.59
CA ALA C 107 -0.01 -32.23 -7.16
C ALA C 107 1.38 -32.78 -6.83
N LYS C 108 2.12 -33.33 -7.80
CA LYS C 108 3.49 -33.83 -7.57
C LYS C 108 4.46 -32.67 -7.32
N THR C 109 4.14 -31.45 -7.76
CA THR C 109 5.02 -30.27 -7.55
C THR C 109 4.85 -29.68 -6.14
N GLY C 110 3.89 -30.14 -5.33
CA GLY C 110 3.63 -29.56 -3.99
C GLY C 110 2.43 -28.61 -3.99
N VAL C 111 2.02 -28.12 -5.15
CA VAL C 111 0.81 -27.24 -5.32
C VAL C 111 -0.44 -27.99 -4.85
N ARG C 112 -1.31 -27.29 -4.09
CA ARG C 112 -2.63 -27.81 -3.66
C ARG C 112 -3.58 -27.65 -4.83
N VAL C 113 -4.12 -28.74 -5.35
CA VAL C 113 -4.88 -28.69 -6.62
C VAL C 113 -6.01 -29.73 -6.53
N GLN C 114 -7.20 -29.33 -6.97
CA GLN C 114 -8.39 -30.20 -7.00
C GLN C 114 -8.96 -30.18 -8.42
N ALA C 115 -9.33 -31.36 -8.93
CA ALA C 115 -10.07 -31.55 -10.20
C ALA C 115 -11.54 -31.79 -9.87
N HIS C 116 -12.45 -31.12 -10.60
CA HIS C 116 -13.91 -31.24 -10.43
C HIS C 116 -14.57 -31.64 -11.74
N ASN C 117 -15.32 -32.72 -11.67
CA ASN C 117 -16.19 -33.20 -12.77
C ASN C 117 -17.61 -33.23 -12.22
N ILE C 118 -18.24 -32.05 -12.19
CA ILE C 118 -19.58 -31.79 -11.55
C ILE C 118 -20.46 -31.07 -12.58
N LYS C 119 -21.59 -31.67 -12.99
CA LYS C 119 -22.54 -31.08 -13.97
C LYS C 119 -22.89 -29.63 -13.57
N SER C 120 -23.13 -29.39 -12.27
CA SER C 120 -23.64 -28.10 -11.74
C SER C 120 -22.52 -27.07 -11.49
N LEU C 121 -21.23 -27.42 -11.67
CA LEU C 121 -20.12 -26.43 -11.61
C LEU C 121 -19.95 -25.83 -13.00
N GLU C 122 -20.49 -24.63 -13.21
CA GLU C 122 -20.64 -24.01 -14.54
C GLU C 122 -19.32 -23.32 -14.91
N LEU C 123 -19.05 -23.21 -16.21
CA LEU C 123 -17.90 -22.44 -16.74
C LEU C 123 -18.03 -20.97 -16.32
N GLU C 124 -16.92 -20.38 -15.87
N GLU C 124 -16.91 -20.38 -15.88
N GLU C 124 -16.91 -20.39 -15.87
CA GLU C 124 -16.85 -18.94 -15.51
CA GLU C 124 -16.84 -18.94 -15.51
CA GLU C 124 -16.82 -18.94 -15.52
C GLU C 124 -16.60 -18.11 -16.77
C GLU C 124 -16.59 -18.10 -16.77
C GLU C 124 -16.60 -18.10 -16.78
N TYR C 125 -16.77 -16.78 -16.64
CA TYR C 125 -16.82 -15.83 -17.76
C TYR C 125 -15.51 -15.81 -18.54
N GLY C 126 -14.36 -15.88 -17.88
CA GLY C 126 -13.04 -15.91 -18.56
C GLY C 126 -12.94 -17.04 -19.60
N THR C 127 -13.73 -18.09 -19.44
CA THR C 127 -13.74 -19.28 -20.32
C THR C 127 -14.86 -19.17 -21.34
N LEU C 128 -16.04 -18.66 -20.94
CA LEU C 128 -17.23 -18.53 -21.85
C LEU C 128 -16.94 -17.57 -23.00
N VAL C 129 -16.20 -16.49 -22.77
CA VAL C 129 -15.95 -15.47 -23.81
C VAL C 129 -15.13 -16.08 -24.95
N PRO C 130 -13.92 -16.64 -24.72
CA PRO C 130 -13.13 -17.18 -25.83
C PRO C 130 -13.88 -18.31 -26.54
N MET C 131 -14.56 -19.16 -25.76
CA MET C 131 -15.34 -20.29 -26.32
C MET C 131 -16.45 -19.72 -27.24
N ARG C 132 -17.09 -18.60 -26.90
CA ARG C 132 -18.14 -17.95 -27.74
C ARG C 132 -17.59 -17.64 -29.15
N TYR C 133 -16.40 -17.06 -29.23
CA TYR C 133 -15.81 -16.55 -30.51
C TYR C 133 -15.03 -17.67 -31.23
N MET C 134 -14.57 -18.70 -30.51
CA MET C 134 -13.65 -19.69 -31.12
C MET C 134 -14.32 -21.06 -31.34
N ASN C 135 -15.36 -21.43 -30.58
CA ASN C 135 -15.70 -22.86 -30.40
C ASN C 135 -17.21 -23.13 -30.47
N GLN C 136 -17.94 -22.27 -31.15
CA GLN C 136 -19.42 -22.39 -31.29
C GLN C 136 -19.81 -23.71 -31.95
N ASP C 137 -18.98 -24.25 -32.87
CA ASP C 137 -19.18 -25.58 -33.51
C ASP C 137 -18.61 -26.74 -32.68
N ARG C 138 -18.09 -26.49 -31.47
CA ARG C 138 -17.65 -27.59 -30.56
C ARG C 138 -16.49 -28.39 -31.18
N ARG C 139 -15.65 -27.71 -31.94
N ARG C 139 -15.64 -27.72 -31.95
CA ARG C 139 -14.40 -28.26 -32.52
CA ARG C 139 -14.38 -28.30 -32.51
C ARG C 139 -13.40 -28.61 -31.41
C ARG C 139 -13.40 -28.63 -31.38
N PHE C 140 -13.44 -27.88 -30.27
CA PHE C 140 -12.47 -28.07 -29.15
C PHE C 140 -13.18 -28.48 -27.86
N LYS C 141 -12.50 -29.35 -27.11
CA LYS C 141 -12.83 -29.67 -25.69
C LYS C 141 -12.23 -28.54 -24.86
N VAL C 142 -12.80 -28.25 -23.69
CA VAL C 142 -12.32 -27.13 -22.87
C VAL C 142 -12.21 -27.61 -21.43
N VAL C 143 -11.17 -27.15 -20.76
CA VAL C 143 -10.91 -27.35 -19.31
C VAL C 143 -10.61 -25.96 -18.78
N SER C 144 -11.13 -25.62 -17.61
CA SER C 144 -10.99 -24.26 -17.03
C SER C 144 -10.24 -24.38 -15.70
N VAL C 145 -9.43 -23.37 -15.38
CA VAL C 145 -8.61 -23.27 -14.14
C VAL C 145 -8.91 -21.97 -13.44
N SER C 146 -9.09 -22.02 -12.12
CA SER C 146 -9.37 -20.85 -11.27
C SER C 146 -8.11 -19.98 -11.25
N ALA C 147 -8.16 -18.74 -11.77
CA ALA C 147 -6.99 -17.85 -11.78
C ALA C 147 -7.24 -16.51 -11.07
N PHE C 148 -8.41 -16.29 -10.46
CA PHE C 148 -8.65 -15.18 -9.49
C PHE C 148 -8.34 -15.76 -8.11
N CYS C 149 -7.06 -15.77 -7.75
CA CYS C 149 -6.53 -16.46 -6.57
C CYS C 149 -6.18 -15.41 -5.52
N THR C 150 -6.96 -15.36 -4.44
CA THR C 150 -6.94 -14.22 -3.50
C THR C 150 -5.79 -14.33 -2.51
N SER C 151 -5.27 -15.54 -2.27
CA SER C 151 -4.44 -15.87 -1.09
C SER C 151 -3.28 -16.78 -1.48
N HIS C 152 -2.76 -16.60 -2.70
CA HIS C 152 -1.91 -17.61 -3.37
C HIS C 152 -0.57 -17.02 -3.81
N SER C 153 0.45 -17.87 -3.93
CA SER C 153 1.80 -17.50 -4.39
C SER C 153 1.82 -17.52 -5.91
N LEU C 154 2.43 -16.51 -6.54
CA LEU C 154 2.69 -16.52 -7.99
C LEU C 154 3.67 -17.66 -8.34
N GLN C 155 4.56 -18.07 -7.41
CA GLN C 155 5.47 -19.22 -7.64
C GLN C 155 4.66 -20.52 -7.70
N ASP C 156 3.52 -20.59 -7.00
CA ASP C 156 2.62 -21.77 -7.08
C ASP C 156 1.89 -21.79 -8.43
N SER C 157 1.44 -20.64 -8.93
CA SER C 157 0.85 -20.51 -10.28
C SER C 157 1.92 -20.93 -11.31
N ARG C 158 3.17 -20.51 -11.13
CA ARG C 158 4.29 -20.96 -12.00
C ARG C 158 4.32 -22.51 -11.99
N LYS C 159 4.23 -23.15 -10.81
CA LYS C 159 4.41 -24.62 -10.70
C LYS C 159 3.20 -25.32 -11.31
N PHE C 160 2.01 -24.74 -11.18
CA PHE C 160 0.77 -25.21 -11.84
C PHE C 160 1.04 -25.32 -13.36
N GLY C 161 1.61 -24.28 -13.97
CA GLY C 161 2.00 -24.30 -15.40
C GLY C 161 3.04 -25.36 -15.74
N GLU C 162 4.03 -25.55 -14.86
CA GLU C 162 5.11 -26.55 -15.03
C GLU C 162 4.45 -27.92 -15.02
N GLY C 163 3.61 -28.20 -14.03
CA GLY C 163 2.92 -29.50 -13.88
C GLY C 163 2.00 -29.75 -15.06
N LEU C 164 1.30 -28.71 -15.55
CA LEU C 164 0.41 -28.82 -16.72
C LEU C 164 1.18 -29.41 -17.92
N ILE C 165 2.41 -28.97 -18.18
CA ILE C 165 3.21 -29.49 -19.33
C ILE C 165 3.40 -31.00 -19.13
N LYS C 166 3.67 -31.45 -17.90
CA LYS C 166 3.88 -32.88 -17.59
C LYS C 166 2.58 -33.66 -17.82
N ALA C 167 1.42 -33.06 -17.53
CA ALA C 167 0.08 -33.63 -17.81
C ALA C 167 -0.12 -33.78 -19.31
N ILE C 168 0.20 -32.75 -20.08
CA ILE C 168 0.03 -32.76 -21.56
C ILE C 168 0.90 -33.87 -22.16
N GLU C 169 2.11 -34.10 -21.63
CA GLU C 169 3.04 -35.13 -22.15
C GLU C 169 2.37 -36.51 -22.07
N ARG C 170 1.60 -36.76 -21.01
CA ARG C 170 0.89 -38.04 -20.75
C ARG C 170 -0.43 -38.13 -21.53
N TYR C 171 -0.98 -37.01 -22.05
CA TYR C 171 -2.30 -36.97 -22.71
C TYR C 171 -2.14 -37.29 -24.19
N ASP C 172 -3.05 -38.06 -24.78
CA ASP C 172 -3.03 -38.41 -26.22
C ASP C 172 -3.74 -37.33 -27.05
N GLY C 173 -3.09 -36.18 -27.23
CA GLY C 173 -3.63 -35.07 -28.03
C GLY C 173 -2.79 -33.81 -28.00
N ASN C 174 -3.14 -32.86 -28.86
CA ASN C 174 -2.54 -31.51 -28.94
C ASN C 174 -3.36 -30.57 -28.04
N VAL C 175 -2.68 -29.72 -27.28
CA VAL C 175 -3.34 -28.81 -26.29
C VAL C 175 -2.89 -27.37 -26.54
N ALA C 176 -3.82 -26.43 -26.37
CA ALA C 176 -3.50 -24.98 -26.34
C ALA C 176 -3.88 -24.43 -24.97
N ILE C 177 -3.12 -23.44 -24.49
CA ILE C 177 -3.37 -22.76 -23.19
C ILE C 177 -3.59 -21.26 -23.44
N PHE C 178 -4.62 -20.72 -22.78
CA PHE C 178 -4.95 -19.27 -22.78
C PHE C 178 -4.95 -18.73 -21.35
N ALA C 179 -4.10 -17.76 -21.07
CA ALA C 179 -4.30 -16.82 -19.93
C ALA C 179 -5.42 -15.83 -20.27
N SER C 180 -6.61 -15.97 -19.67
CA SER C 180 -7.79 -15.10 -19.95
C SER C 180 -7.89 -14.05 -18.85
N GLY C 181 -7.40 -12.85 -19.14
CA GLY C 181 -7.29 -11.75 -18.18
C GLY C 181 -6.73 -10.51 -18.79
N SER C 182 -6.03 -9.72 -17.96
CA SER C 182 -5.71 -8.31 -18.26
C SER C 182 -4.21 -8.10 -18.10
N LEU C 183 -3.79 -6.91 -18.50
CA LEU C 183 -2.57 -6.23 -18.03
C LEU C 183 -2.96 -5.57 -16.73
N SER C 184 -2.78 -4.27 -16.60
CA SER C 184 -3.30 -3.49 -15.44
C SER C 184 -4.82 -3.64 -15.35
N HIS C 185 -5.38 -3.63 -14.13
CA HIS C 185 -6.84 -3.79 -13.97
C HIS C 185 -7.34 -2.92 -12.83
N ARG C 186 -6.91 -1.65 -12.85
CA ARG C 186 -7.49 -0.58 -12.00
C ARG C 186 -8.76 -0.07 -12.69
N PHE C 187 -9.89 -0.72 -12.43
CA PHE C 187 -11.17 -0.43 -13.11
C PHE C 187 -11.52 1.04 -12.83
N ILE C 188 -12.11 1.71 -13.82
CA ILE C 188 -12.48 3.15 -13.76
C ILE C 188 -13.41 3.38 -12.56
N TRP C 189 -13.17 4.43 -11.80
CA TRP C 189 -13.97 4.79 -10.60
C TRP C 189 -15.42 5.03 -11.01
N ASP C 190 -16.32 4.63 -10.12
CA ASP C 190 -17.79 4.71 -10.31
C ASP C 190 -18.22 6.15 -10.64
N TRP C 191 -17.59 7.14 -10.02
CA TRP C 191 -17.93 8.59 -10.20
C TRP C 191 -17.36 9.15 -11.51
N GLU C 192 -16.69 8.34 -12.33
CA GLU C 192 -16.05 8.78 -13.61
C GLU C 192 -16.70 8.03 -14.79
N ALA C 193 -17.89 7.47 -14.59
CA ALA C 193 -18.68 6.75 -15.64
C ALA C 193 -18.75 7.57 -16.93
N GLN C 194 -18.83 8.90 -16.80
CA GLN C 194 -19.03 9.89 -17.89
C GLN C 194 -17.95 9.74 -18.97
N ARG C 195 -16.74 9.32 -18.57
CA ARG C 195 -15.54 9.22 -19.45
C ARG C 195 -15.66 8.06 -20.45
N GLY C 196 -16.64 7.17 -20.30
CA GLY C 196 -16.87 6.05 -21.23
C GLY C 196 -15.90 4.89 -20.99
N MET C 197 -15.81 3.95 -21.93
CA MET C 197 -15.15 2.62 -21.74
C MET C 197 -13.76 2.58 -22.38
N ASP C 198 -13.25 3.68 -22.96
CA ASP C 198 -12.05 3.66 -23.83
C ASP C 198 -10.92 4.50 -23.22
N THR C 199 -10.85 4.59 -21.90
CA THR C 199 -9.80 5.37 -21.20
C THR C 199 -9.17 4.55 -20.10
N TYR C 200 -7.92 4.86 -19.76
CA TYR C 200 -7.27 4.34 -18.53
C TYR C 200 -7.71 5.20 -17.34
N THR C 201 -7.85 4.57 -16.19
CA THR C 201 -8.18 5.26 -14.92
C THR C 201 -7.01 6.18 -14.54
N ARG C 202 -5.79 5.67 -14.73
CA ARG C 202 -4.52 6.30 -14.29
C ARG C 202 -3.52 6.25 -15.44
N GLU C 203 -2.92 7.39 -15.78
CA GLU C 203 -1.82 7.41 -16.79
C GLU C 203 -0.71 6.45 -16.35
N TRP C 204 -0.47 6.34 -15.06
CA TRP C 204 0.50 5.40 -14.46
C TRP C 204 0.29 4.00 -15.04
N ASP C 205 -0.91 3.46 -14.99
CA ASP C 205 -1.20 2.10 -15.52
C ASP C 205 -0.97 2.06 -17.03
N ARG C 206 -1.42 3.09 -17.75
CA ARG C 206 -1.18 3.17 -19.22
C ARG C 206 0.32 3.01 -19.53
N GLN C 207 1.17 3.76 -18.81
CA GLN C 207 2.63 3.80 -19.06
C GLN C 207 3.29 2.47 -18.67
N VAL C 208 3.00 1.97 -17.47
CA VAL C 208 3.54 0.65 -17.06
C VAL C 208 3.11 -0.40 -18.11
N ASP C 209 1.83 -0.39 -18.54
CA ASP C 209 1.35 -1.35 -19.56
C ASP C 209 2.16 -1.18 -20.86
N LYS C 210 2.44 0.05 -21.30
CA LYS C 210 3.22 0.28 -22.56
C LYS C 210 4.62 -0.35 -22.39
N HIS C 211 5.27 -0.15 -21.23
CA HIS C 211 6.62 -0.73 -20.96
C HIS C 211 6.57 -2.27 -21.00
N VAL C 212 5.60 -2.87 -20.28
CA VAL C 212 5.43 -4.33 -20.16
C VAL C 212 5.26 -4.92 -21.57
N VAL C 213 4.47 -4.30 -22.43
CA VAL C 213 4.24 -4.82 -23.80
C VAL C 213 5.57 -4.76 -24.56
N LYS C 214 6.38 -3.71 -24.38
CA LYS C 214 7.73 -3.67 -25.00
C LYS C 214 8.60 -4.83 -24.46
N MET C 215 8.59 -5.07 -23.16
CA MET C 215 9.33 -6.20 -22.57
C MET C 215 8.90 -7.50 -23.27
N TRP C 216 7.61 -7.75 -23.45
CA TRP C 216 7.10 -8.98 -24.08
C TRP C 216 7.65 -9.12 -25.50
N GLU C 217 7.58 -8.03 -26.27
CA GLU C 217 8.00 -7.96 -27.69
C GLU C 217 9.51 -8.14 -27.80
N ASN C 218 10.24 -7.79 -26.75
CA ASN C 218 11.71 -7.87 -26.67
C ASN C 218 12.15 -9.20 -25.99
N ALA C 219 11.22 -10.09 -25.61
CA ALA C 219 11.52 -11.37 -24.93
C ALA C 219 12.30 -11.14 -23.61
N GLU C 220 12.02 -10.04 -22.91
CA GLU C 220 12.67 -9.75 -21.61
C GLU C 220 11.97 -10.52 -20.48
N TRP C 221 11.96 -11.85 -20.59
CA TRP C 221 11.11 -12.71 -19.72
C TRP C 221 11.73 -12.89 -18.33
N ALA C 222 13.05 -13.01 -18.19
CA ALA C 222 13.70 -13.07 -16.85
C ALA C 222 13.29 -11.82 -16.05
N GLU C 223 13.37 -10.65 -16.69
CA GLU C 223 13.09 -9.33 -16.06
C GLU C 223 11.60 -9.22 -15.77
N PHE C 224 10.77 -9.66 -16.72
CA PHE C 224 9.29 -9.53 -16.53
C PHE C 224 8.84 -10.43 -15.38
N CYS C 225 9.30 -11.69 -15.38
CA CYS C 225 9.02 -12.65 -14.29
C CYS C 225 9.48 -12.10 -12.92
N ALA C 226 10.66 -11.49 -12.84
CA ALA C 226 11.16 -10.89 -11.59
C ALA C 226 10.26 -9.74 -11.13
N MET C 227 9.70 -8.93 -12.03
CA MET C 227 8.90 -7.75 -11.61
C MET C 227 7.41 -8.06 -11.47
N LEU C 228 6.95 -9.29 -11.78
CA LEU C 228 5.51 -9.61 -11.88
C LEU C 228 4.80 -9.42 -10.55
N PRO C 229 5.37 -9.79 -9.37
CA PRO C 229 4.68 -9.57 -8.10
C PRO C 229 4.33 -8.08 -7.91
N GLU C 230 5.30 -7.20 -8.15
CA GLU C 230 5.10 -5.74 -8.04
C GLU C 230 4.07 -5.23 -9.07
N TYR C 231 4.16 -5.66 -10.33
CA TYR C 231 3.20 -5.27 -11.39
C TYR C 231 1.78 -5.62 -10.95
N ALA C 232 1.60 -6.84 -10.42
CA ALA C 232 0.30 -7.38 -9.97
C ALA C 232 -0.24 -6.57 -8.80
N GLU C 233 0.63 -6.09 -7.94
CA GLU C 233 0.23 -5.29 -6.76
C GLU C 233 -0.08 -3.85 -7.19
N TYR C 234 0.87 -3.17 -7.83
CA TYR C 234 0.84 -1.70 -8.05
C TYR C 234 -0.04 -1.33 -9.24
N CYS C 235 -0.37 -2.29 -10.10
CA CYS C 235 -1.25 -2.08 -11.28
C CYS C 235 -2.55 -2.87 -11.13
N PHE C 236 -2.90 -3.32 -9.92
CA PHE C 236 -4.24 -3.89 -9.62
C PHE C 236 -4.59 -5.02 -10.59
N GLY C 237 -3.70 -6.01 -10.71
CA GLY C 237 -3.90 -7.12 -11.68
C GLY C 237 -5.23 -7.81 -11.48
N GLU C 238 -5.90 -8.13 -12.59
CA GLU C 238 -7.15 -8.93 -12.56
C GLU C 238 -6.83 -10.32 -12.02
N GLY C 239 -7.39 -10.61 -10.84
CA GLY C 239 -7.12 -11.85 -10.10
C GLY C 239 -5.69 -11.99 -9.63
N GLY C 240 -4.87 -10.94 -9.71
CA GLY C 240 -3.51 -10.89 -9.15
C GLY C 240 -2.48 -11.36 -10.17
N MET C 241 -2.88 -11.45 -11.44
CA MET C 241 -2.08 -11.86 -12.62
C MET C 241 -1.59 -13.32 -12.47
N HIS C 242 -2.32 -14.16 -11.75
CA HIS C 242 -2.05 -15.64 -11.67
C HIS C 242 -2.21 -16.29 -13.05
N ASP C 243 -3.09 -15.76 -13.91
CA ASP C 243 -3.31 -16.30 -15.29
C ASP C 243 -2.00 -16.14 -16.08
N THR C 244 -1.36 -14.99 -15.94
CA THR C 244 -0.07 -14.65 -16.60
C THR C 244 1.03 -15.55 -16.05
N ALA C 245 1.05 -15.81 -14.74
CA ALA C 245 2.07 -16.66 -14.10
C ALA C 245 1.89 -18.13 -14.54
N MET C 246 0.67 -18.65 -14.61
CA MET C 246 0.39 -20.02 -15.12
C MET C 246 0.93 -20.17 -16.55
N LEU C 247 0.69 -19.19 -17.39
CA LEU C 247 1.13 -19.24 -18.79
C LEU C 247 2.67 -19.23 -18.83
N LEU C 248 3.30 -18.36 -18.07
CA LEU C 248 4.77 -18.21 -18.14
C LEU C 248 5.41 -19.44 -17.50
N GLY C 249 4.77 -19.98 -16.45
CA GLY C 249 5.15 -21.28 -15.87
C GLY C 249 5.26 -22.38 -16.92
N ALA C 250 4.23 -22.57 -17.74
CA ALA C 250 4.17 -23.62 -18.77
C ALA C 250 5.25 -23.41 -19.80
N LEU C 251 5.66 -22.15 -20.02
CA LEU C 251 6.54 -21.78 -21.15
C LEU C 251 8.02 -21.75 -20.74
N GLY C 252 8.34 -21.75 -19.44
CA GLY C 252 9.73 -21.84 -18.96
C GLY C 252 10.13 -20.75 -17.99
N TRP C 253 9.21 -19.86 -17.61
CA TRP C 253 9.48 -18.75 -16.64
C TRP C 253 10.65 -17.92 -17.16
N ASP C 254 11.69 -17.71 -16.36
CA ASP C 254 12.83 -16.84 -16.71
C ASP C 254 13.67 -17.44 -17.86
N LYS C 255 13.48 -18.71 -18.21
CA LYS C 255 14.16 -19.34 -19.39
C LYS C 255 13.36 -19.14 -20.67
N TYR C 256 12.09 -18.73 -20.62
CA TYR C 256 11.32 -18.41 -21.84
C TYR C 256 12.04 -17.29 -22.61
N ASN C 257 12.11 -17.41 -23.94
CA ASN C 257 13.07 -16.61 -24.75
C ASN C 257 12.48 -16.19 -26.10
N GLN C 258 11.16 -16.27 -26.30
CA GLN C 258 10.50 -15.96 -27.59
C GLN C 258 9.79 -14.62 -27.48
N PRO C 259 9.93 -13.69 -28.46
CA PRO C 259 9.20 -12.43 -28.45
C PRO C 259 7.70 -12.73 -28.63
N ALA C 260 6.84 -12.16 -27.78
CA ALA C 260 5.37 -12.21 -27.96
C ALA C 260 5.00 -11.65 -29.34
N GLU C 261 4.09 -12.33 -30.02
CA GLU C 261 3.43 -11.83 -31.24
C GLU C 261 2.14 -11.12 -30.82
N ILE C 262 2.09 -9.79 -30.96
CA ILE C 262 0.88 -8.98 -30.62
C ILE C 262 -0.22 -9.22 -31.67
N ILE C 263 -1.38 -9.71 -31.26
CA ILE C 263 -2.52 -10.04 -32.17
C ILE C 263 -3.48 -8.85 -32.15
N THR C 264 -3.83 -8.40 -30.93
CA THR C 264 -4.64 -7.19 -30.68
C THR C 264 -3.80 -6.26 -29.81
N PRO C 265 -3.30 -5.13 -30.38
CA PRO C 265 -2.51 -4.17 -29.62
C PRO C 265 -3.24 -3.74 -28.35
N ALA C 266 -2.49 -3.45 -27.30
CA ALA C 266 -3.02 -3.16 -25.96
C ALA C 266 -4.01 -1.98 -26.11
N PHE C 267 -5.15 -2.04 -25.43
CA PHE C 267 -6.23 -1.01 -25.53
C PHE C 267 -6.85 -0.88 -24.14
N PRO C 268 -7.31 0.32 -23.76
CA PRO C 268 -8.00 0.51 -22.48
C PRO C 268 -9.43 0.00 -22.62
N SER C 269 -9.97 -0.54 -21.54
CA SER C 269 -11.38 -0.93 -21.48
C SER C 269 -11.88 -0.67 -20.06
N SER C 270 -12.71 0.37 -19.91
CA SER C 270 -13.25 0.75 -18.58
C SER C 270 -12.11 0.88 -17.57
N GLY C 271 -11.02 1.52 -18.00
CA GLY C 271 -9.87 1.91 -17.18
C GLY C 271 -8.76 0.86 -17.08
N THR C 272 -9.00 -0.35 -17.61
CA THR C 272 -8.09 -1.52 -17.50
C THR C 272 -7.31 -1.69 -18.81
N GLY C 273 -6.17 -2.35 -18.76
CA GLY C 273 -5.37 -2.69 -19.96
C GLY C 273 -5.70 -4.06 -20.47
N GLN C 274 -5.94 -4.17 -21.78
CA GLN C 274 -6.35 -5.40 -22.45
C GLN C 274 -5.44 -5.60 -23.66
N ILE C 275 -5.13 -6.86 -23.95
CA ILE C 275 -4.24 -7.28 -25.09
C ILE C 275 -4.63 -8.70 -25.53
N ASN C 276 -4.42 -9.00 -26.81
CA ASN C 276 -4.37 -10.40 -27.31
C ASN C 276 -2.97 -10.64 -27.85
N ALA C 277 -2.25 -11.65 -27.34
CA ALA C 277 -0.87 -11.96 -27.77
C ALA C 277 -0.62 -13.47 -27.83
N ILE C 278 0.04 -13.93 -28.89
CA ILE C 278 0.53 -15.34 -28.99
C ILE C 278 1.95 -15.36 -28.41
N PHE C 279 2.23 -16.35 -27.55
CA PHE C 279 3.54 -16.60 -26.94
C PHE C 279 4.14 -17.79 -27.69
N PRO C 280 4.99 -17.58 -28.71
CA PRO C 280 5.52 -18.72 -29.48
C PRO C 280 6.24 -19.76 -28.62
N LEU C 281 6.13 -21.05 -28.97
CA LEU C 281 6.74 -22.14 -28.17
C LEU C 281 8.25 -22.17 -28.39
N MET C 282 9.03 -22.52 -27.35
CA MET C 282 10.50 -22.66 -27.47
C MET C 282 10.77 -23.88 -28.35
N PRO C 283 11.88 -23.92 -29.12
CA PRO C 283 12.11 -25.02 -30.07
C PRO C 283 12.11 -26.43 -29.45
N GLY D 2 15.22 39.20 -13.87
CA GLY D 2 16.30 38.24 -14.19
C GLY D 2 15.79 37.09 -15.01
N LYS D 3 16.61 36.05 -15.18
CA LYS D 3 16.41 34.97 -16.17
C LYS D 3 16.70 33.60 -15.54
N LEU D 4 15.82 32.61 -15.68
CA LEU D 4 16.22 31.19 -15.52
C LEU D 4 17.01 30.80 -16.76
N VAL D 5 18.26 30.35 -16.64
CA VAL D 5 19.08 30.00 -17.83
C VAL D 5 19.43 28.51 -17.87
N LEU D 6 19.32 27.75 -16.76
CA LEU D 6 19.63 26.30 -16.77
C LEU D 6 18.81 25.60 -15.69
N ALA D 7 18.35 24.41 -16.02
CA ALA D 7 17.60 23.48 -15.16
C ALA D 7 18.13 22.06 -15.36
N ALA D 8 18.23 21.28 -14.28
CA ALA D 8 18.85 19.94 -14.29
C ALA D 8 18.30 19.10 -13.14
N LYS D 9 18.21 17.80 -13.39
CA LYS D 9 18.05 16.74 -12.37
C LYS D 9 19.43 16.14 -12.13
N ILE D 10 19.89 16.10 -10.87
CA ILE D 10 21.26 15.60 -10.57
C ILE D 10 21.21 14.63 -9.40
N THR D 11 22.17 13.70 -9.38
CA THR D 11 22.40 12.73 -8.27
C THR D 11 23.22 13.41 -7.18
N HIS D 12 23.01 13.00 -5.95
CA HIS D 12 23.86 13.38 -4.79
C HIS D 12 24.28 12.15 -3.98
N VAL D 13 24.34 10.95 -4.58
CA VAL D 13 24.59 9.70 -3.79
C VAL D 13 25.92 9.81 -3.04
N PRO D 14 26.01 9.27 -1.82
CA PRO D 14 27.26 9.30 -1.06
C PRO D 14 28.42 8.55 -1.76
N SER D 15 28.14 7.62 -2.67
CA SER D 15 29.19 6.89 -3.43
C SER D 15 30.02 7.87 -4.29
N MET D 16 29.52 9.08 -4.58
CA MET D 16 30.33 10.10 -5.31
C MET D 16 31.53 10.46 -4.44
N TYR D 17 31.33 10.77 -3.16
CA TYR D 17 32.47 11.05 -2.24
C TYR D 17 33.34 9.78 -2.08
N LEU D 18 32.75 8.60 -1.90
CA LEU D 18 33.49 7.30 -1.80
C LEU D 18 34.40 7.09 -3.02
N SER D 19 33.96 7.50 -4.22
CA SER D 19 34.72 7.39 -5.48
C SER D 19 36.06 8.11 -5.41
N GLU D 20 36.16 9.15 -4.59
CA GLU D 20 37.37 10.01 -4.45
C GLU D 20 38.43 9.30 -3.58
N LEU D 21 38.01 8.36 -2.73
CA LEU D 21 38.87 7.83 -1.64
C LEU D 21 39.70 6.66 -2.16
N PRO D 22 40.90 6.45 -1.60
CA PRO D 22 41.71 5.28 -1.96
C PRO D 22 40.95 4.03 -1.50
N GLY D 23 40.99 2.97 -2.30
CA GLY D 23 40.34 1.69 -1.98
C GLY D 23 39.85 0.99 -3.24
N PRO D 24 39.15 -0.15 -3.10
CA PRO D 24 38.68 -0.91 -4.26
C PRO D 24 37.54 -0.20 -5.03
N HIS D 25 36.88 0.78 -4.42
CA HIS D 25 35.78 1.60 -4.99
C HIS D 25 36.28 2.95 -5.56
N GLN D 26 37.59 3.22 -5.57
CA GLN D 26 38.10 4.51 -6.12
C GLN D 26 37.66 4.57 -7.58
N GLY D 27 36.99 5.67 -7.98
CA GLY D 27 36.61 5.91 -9.38
C GLY D 27 35.26 5.29 -9.72
N CYS D 28 34.58 4.66 -8.76
CA CYS D 28 33.27 3.97 -8.98
C CYS D 28 32.17 4.95 -9.45
N ARG D 29 32.33 6.26 -9.25
CA ARG D 29 31.32 7.28 -9.68
C ARG D 29 31.96 8.39 -10.53
N GLN D 30 33.04 8.08 -11.24
CA GLN D 30 33.76 9.07 -12.07
C GLN D 30 32.78 9.79 -13.02
N ALA D 31 31.93 9.07 -13.76
CA ALA D 31 31.06 9.68 -14.77
C ALA D 31 29.99 10.55 -14.08
N ALA D 32 29.43 10.14 -12.94
CA ALA D 32 28.50 11.01 -12.19
C ALA D 32 29.20 12.33 -11.84
N ILE D 33 30.46 12.27 -11.37
CA ILE D 33 31.23 13.47 -10.95
C ILE D 33 31.49 14.32 -12.19
N ASP D 34 31.82 13.71 -13.32
CA ASP D 34 32.10 14.47 -14.56
C ASP D 34 30.81 15.17 -15.02
N GLY D 35 29.63 14.53 -14.82
CA GLY D 35 28.32 15.13 -15.15
C GLY D 35 28.03 16.38 -14.33
N HIS D 36 28.28 16.31 -13.02
CA HIS D 36 28.22 17.51 -12.13
C HIS D 36 29.16 18.60 -12.67
N LYS D 37 30.43 18.26 -12.94
CA LYS D 37 31.41 19.25 -13.47
C LYS D 37 30.94 19.84 -14.80
N GLU D 38 30.34 19.06 -15.69
CA GLU D 38 29.87 19.56 -17.00
C GLU D 38 28.72 20.55 -16.80
N ILE D 39 27.80 20.25 -15.90
CA ILE D 39 26.61 21.09 -15.63
C ILE D 39 27.09 22.40 -15.00
N GLY D 40 28.07 22.33 -14.12
CA GLY D 40 28.70 23.53 -13.52
C GLY D 40 29.32 24.42 -14.57
N GLN D 41 30.06 23.81 -15.50
CA GLN D 41 30.76 24.58 -16.56
C GLN D 41 29.71 25.31 -17.44
N ARG D 42 28.60 24.68 -17.78
CA ARG D 42 27.52 25.37 -18.55
C ARG D 42 26.94 26.53 -17.74
N CYS D 43 26.80 26.35 -16.42
CA CYS D 43 26.43 27.44 -15.49
C CYS D 43 27.42 28.60 -15.64
N ARG D 44 28.72 28.32 -15.75
CA ARG D 44 29.73 29.39 -15.90
C ARG D 44 29.49 30.07 -17.25
N ASP D 45 29.34 29.26 -18.30
CA ASP D 45 29.14 29.73 -19.68
C ASP D 45 27.91 30.64 -19.79
N LEU D 46 26.83 30.34 -19.05
CA LEU D 46 25.55 31.08 -19.15
C LEU D 46 25.50 32.26 -18.16
N ASP D 47 26.63 32.53 -17.48
N ASP D 47 26.62 32.56 -17.49
CA ASP D 47 26.83 33.68 -16.55
CA ASP D 47 26.76 33.72 -16.56
C ASP D 47 25.80 33.57 -15.41
C ASP D 47 25.77 33.57 -15.41
N VAL D 48 25.58 32.34 -14.93
CA VAL D 48 24.75 32.07 -13.72
C VAL D 48 25.42 32.79 -12.55
N ASP D 49 24.66 33.48 -11.71
CA ASP D 49 25.27 34.03 -10.47
C ASP D 49 24.72 33.31 -9.23
N THR D 50 23.53 32.72 -9.29
CA THR D 50 22.94 31.98 -8.13
C THR D 50 22.38 30.64 -8.59
N ILE D 51 22.67 29.58 -7.83
CA ILE D 51 22.09 28.22 -8.00
C ILE D 51 21.10 28.00 -6.85
N VAL D 52 19.88 27.61 -7.21
CA VAL D 52 18.83 27.19 -6.25
C VAL D 52 18.77 25.68 -6.35
N VAL D 53 18.95 24.98 -5.22
CA VAL D 53 18.93 23.49 -5.20
C VAL D 53 17.69 23.05 -4.41
N PHE D 54 16.82 22.28 -5.07
CA PHE D 54 15.73 21.49 -4.46
C PHE D 54 16.34 20.24 -3.83
N ASP D 55 16.53 20.28 -2.52
CA ASP D 55 17.41 19.35 -1.78
C ASP D 55 16.55 18.23 -1.19
N SER D 56 16.51 17.07 -1.86
CA SER D 56 15.71 15.89 -1.43
C SER D 56 16.35 15.20 -0.21
N HIS D 57 17.44 15.73 0.36
CA HIS D 57 18.00 15.23 1.63
C HIS D 57 17.52 16.05 2.82
N TRP D 58 16.87 17.22 2.60
CA TRP D 58 16.40 18.11 3.68
C TRP D 58 14.95 17.78 4.05
N LEU D 59 14.75 17.10 5.18
CA LEU D 59 13.43 16.59 5.62
C LEU D 59 12.68 17.70 6.34
N VAL D 60 11.47 18.02 5.87
CA VAL D 60 10.54 18.94 6.55
C VAL D 60 9.18 18.25 6.64
N ASN D 61 8.46 18.50 7.72
CA ASN D 61 7.08 17.97 7.93
C ASN D 61 5.99 19.02 7.65
N SER D 62 6.29 20.31 7.78
CA SER D 62 5.34 21.45 7.67
C SER D 62 5.94 22.54 6.78
N ALA D 63 5.26 22.91 5.71
CA ALA D 63 5.60 24.04 4.81
C ALA D 63 6.86 23.73 4.00
N PHE D 64 7.13 24.60 3.02
CA PHE D 64 8.38 24.59 2.23
C PHE D 64 9.32 25.62 2.83
N HIS D 65 10.57 25.23 3.03
CA HIS D 65 11.59 26.03 3.73
C HIS D 65 12.70 26.35 2.73
N ILE D 66 13.15 27.59 2.77
CA ILE D 66 14.25 28.12 1.92
C ILE D 66 15.37 28.47 2.86
N ASN D 67 16.56 27.92 2.61
CA ASN D 67 17.79 28.32 3.30
C ASN D 67 18.44 29.36 2.40
N CYS D 68 18.30 30.64 2.74
CA CYS D 68 18.86 31.77 1.95
C CYS D 68 19.81 32.52 2.86
N GLY D 69 20.59 31.78 3.64
CA GLY D 69 21.62 32.35 4.53
C GLY D 69 22.60 33.18 3.72
N GLU D 70 23.14 34.24 4.31
CA GLU D 70 24.13 35.13 3.66
C GLU D 70 25.42 34.35 3.35
N HIS D 71 25.83 33.48 4.28
CA HIS D 71 27.15 32.79 4.21
C HIS D 71 27.07 31.35 4.73
N PHE D 72 27.69 30.40 4.04
CA PHE D 72 27.72 28.98 4.45
C PHE D 72 29.17 28.56 4.65
N LYS D 73 29.51 28.22 5.88
CA LYS D 73 30.85 27.69 6.21
C LYS D 73 30.72 26.69 7.34
N GLY D 74 31.31 25.51 7.17
CA GLY D 74 31.35 24.53 8.26
C GLY D 74 32.11 23.27 7.89
N ILE D 75 31.92 22.25 8.72
CA ILE D 75 32.56 20.91 8.63
C ILE D 75 31.41 19.90 8.60
N TYR D 76 31.34 19.07 7.56
CA TYR D 76 30.23 18.11 7.37
C TYR D 76 30.69 16.70 7.73
N THR D 77 29.93 16.04 8.60
CA THR D 77 30.06 14.58 8.89
C THR D 77 28.73 13.90 8.61
N SER D 78 28.70 12.94 7.69
CA SER D 78 27.50 12.14 7.34
C SER D 78 27.07 11.36 8.58
N ASN D 79 25.77 11.36 8.86
CA ASN D 79 25.24 10.46 9.92
C ASN D 79 24.75 9.16 9.27
N GLU D 80 24.92 8.99 7.94
CA GLU D 80 24.60 7.73 7.20
C GLU D 80 25.87 6.88 7.09
N LEU D 81 27.03 7.47 6.71
CA LEU D 81 28.33 6.77 6.54
C LEU D 81 29.45 7.53 7.24
N PRO D 82 29.39 7.69 8.56
CA PRO D 82 30.34 8.57 9.25
C PRO D 82 31.77 8.03 9.27
N HIS D 83 31.96 6.73 9.03
CA HIS D 83 33.33 6.14 8.96
C HIS D 83 34.06 6.70 7.74
N PHE D 84 33.36 6.92 6.63
CA PHE D 84 33.95 7.36 5.33
C PHE D 84 33.78 8.87 5.08
N ILE D 85 32.63 9.45 5.40
CA ILE D 85 32.31 10.88 5.05
C ILE D 85 32.28 11.70 6.34
N LYS D 86 33.39 12.34 6.66
CA LYS D 86 33.59 13.01 7.97
C LYS D 86 34.62 14.14 7.80
N ASP D 87 34.44 15.20 8.58
CA ASP D 87 35.35 16.36 8.67
C ASP D 87 35.50 16.99 7.27
N MET D 88 34.41 17.04 6.50
CA MET D 88 34.44 17.58 5.12
C MET D 88 34.16 19.09 5.18
N GLU D 89 35.22 19.89 5.00
CA GLU D 89 35.18 21.37 4.92
C GLU D 89 34.39 21.84 3.69
N PHE D 90 33.66 22.95 3.86
CA PHE D 90 32.95 23.67 2.77
C PHE D 90 32.80 25.15 3.14
N GLU D 91 32.76 26.02 2.14
CA GLU D 91 32.46 27.46 2.30
C GLU D 91 31.85 27.99 1.01
N TYR D 92 30.65 28.59 1.09
CA TYR D 92 29.92 29.18 -0.05
C TYR D 92 29.24 30.49 0.38
N ASP D 93 28.95 31.33 -0.61
CA ASP D 93 28.19 32.60 -0.49
C ASP D 93 26.72 32.33 -0.77
N GLY D 94 25.84 33.10 -0.10
CA GLY D 94 24.39 32.93 -0.16
C GLY D 94 23.72 34.07 -0.89
N ASN D 95 22.39 34.02 -1.00
CA ASN D 95 21.60 35.07 -1.67
C ASN D 95 20.29 35.28 -0.92
N PRO D 96 20.33 36.02 0.22
CA PRO D 96 19.14 36.37 0.97
C PRO D 96 18.14 37.17 0.13
N VAL D 97 18.61 37.95 -0.84
CA VAL D 97 17.69 38.79 -1.66
C VAL D 97 16.85 37.88 -2.54
N LEU D 98 17.47 36.89 -3.22
CA LEU D 98 16.69 35.93 -4.03
C LEU D 98 15.77 35.14 -3.09
N GLY D 99 16.23 34.79 -1.90
CA GLY D 99 15.41 34.03 -0.92
C GLY D 99 14.11 34.75 -0.59
N GLN D 100 14.20 36.05 -0.25
CA GLN D 100 13.01 36.83 0.18
C GLN D 100 12.08 37.00 -1.02
N LEU D 101 12.59 37.20 -2.24
CA LEU D 101 11.77 37.23 -3.48
C LEU D 101 11.05 35.90 -3.68
N MET D 102 11.74 34.78 -3.48
CA MET D 102 11.13 33.42 -3.56
C MET D 102 9.99 33.34 -2.55
N GLN D 103 10.23 33.76 -1.32
CA GLN D 103 9.17 33.72 -0.28
C GLN D 103 7.99 34.60 -0.72
N GLU D 104 8.25 35.83 -1.17
CA GLU D 104 7.18 36.79 -1.59
C GLU D 104 6.33 36.12 -2.67
N GLU D 105 6.97 35.69 -3.76
CA GLU D 105 6.23 35.28 -4.97
C GLU D 105 5.55 33.93 -4.76
N ILE D 106 6.16 33.03 -4.01
CA ILE D 106 5.62 31.67 -3.80
C ILE D 106 4.41 31.74 -2.85
N ALA D 107 4.46 32.56 -1.80
CA ALA D 107 3.34 32.78 -0.85
C ALA D 107 2.11 33.31 -1.61
N LYS D 108 2.29 34.05 -2.71
CA LYS D 108 1.13 34.57 -3.51
C LYS D 108 0.41 33.42 -4.21
N THR D 109 1.05 32.26 -4.39
CA THR D 109 0.41 31.07 -5.01
C THR D 109 -0.52 30.39 -4.01
N GLY D 110 -0.43 30.72 -2.71
CA GLY D 110 -1.18 30.08 -1.62
C GLY D 110 -0.36 29.01 -0.90
N VAL D 111 0.82 28.67 -1.42
CA VAL D 111 1.75 27.66 -0.84
C VAL D 111 2.27 28.20 0.50
N ARG D 112 2.45 27.32 1.50
CA ARG D 112 3.06 27.72 2.80
C ARG D 112 4.59 27.71 2.64
N VAL D 113 5.24 28.84 2.79
CA VAL D 113 6.69 28.94 2.49
C VAL D 113 7.34 29.91 3.48
N GLN D 114 8.48 29.52 4.01
CA GLN D 114 9.29 30.33 4.95
C GLN D 114 10.70 30.43 4.39
N ALA D 115 11.30 31.62 4.44
CA ALA D 115 12.72 31.88 4.06
C ALA D 115 13.52 32.13 5.35
N HIS D 116 14.67 31.45 5.49
CA HIS D 116 15.57 31.51 6.67
C HIS D 116 16.92 32.08 6.23
N ASN D 117 17.36 33.12 6.94
CA ASN D 117 18.71 33.70 6.83
C ASN D 117 19.28 33.65 8.24
N ILE D 118 19.74 32.45 8.62
CA ILE D 118 20.17 32.08 10.01
C ILE D 118 21.52 31.42 9.90
N LYS D 119 22.54 32.02 10.52
CA LYS D 119 23.95 31.55 10.48
C LYS D 119 24.05 30.05 10.74
N SER D 120 23.35 29.57 11.77
CA SER D 120 23.47 28.19 12.31
C SER D 120 22.60 27.20 11.52
N LEU D 121 21.81 27.65 10.54
CA LEU D 121 21.04 26.70 9.68
C LEU D 121 21.95 26.26 8.54
N GLU D 122 22.43 25.03 8.59
CA GLU D 122 23.55 24.57 7.73
C GLU D 122 22.98 24.01 6.43
N LEU D 123 23.78 24.02 5.37
CA LEU D 123 23.41 23.38 4.09
C LEU D 123 23.25 21.86 4.31
N GLU D 124 22.22 21.26 3.72
N GLU D 124 22.21 21.27 3.71
CA GLU D 124 22.03 19.79 3.75
CA GLU D 124 22.01 19.79 3.71
C GLU D 124 22.81 19.12 2.60
C GLU D 124 22.85 19.12 2.61
N TYR D 125 22.93 17.80 2.69
CA TYR D 125 23.82 16.97 1.85
C TYR D 125 23.48 17.15 0.37
N GLY D 126 22.19 17.18 0.00
CA GLY D 126 21.80 17.28 -1.42
C GLY D 126 22.26 18.60 -2.03
N THR D 127 22.60 19.60 -1.23
CA THR D 127 23.19 20.89 -1.70
C THR D 127 24.73 20.82 -1.64
N LEU D 128 25.31 20.25 -0.57
CA LEU D 128 26.79 20.16 -0.38
C LEU D 128 27.45 19.37 -1.53
N VAL D 129 26.79 18.34 -2.05
CA VAL D 129 27.45 17.44 -3.03
C VAL D 129 27.69 18.22 -4.32
N PRO D 130 26.65 18.78 -4.98
CA PRO D 130 26.91 19.54 -6.21
C PRO D 130 27.82 20.75 -5.95
N MET D 131 27.67 21.44 -4.82
CA MET D 131 28.58 22.61 -4.57
C MET D 131 30.04 22.13 -4.51
N ARG D 132 30.30 20.92 -3.97
CA ARG D 132 31.66 20.31 -3.87
C ARG D 132 32.30 20.15 -5.26
N TYR D 133 31.56 19.67 -6.25
CA TYR D 133 32.10 19.39 -7.61
C TYR D 133 32.02 20.61 -8.53
N MET D 134 31.11 21.58 -8.27
CA MET D 134 30.87 22.70 -9.21
C MET D 134 31.41 24.05 -8.70
N ASN D 135 31.56 24.24 -7.38
CA ASN D 135 31.58 25.59 -6.77
C ASN D 135 32.68 25.76 -5.72
N GLN D 136 33.81 25.07 -5.85
CA GLN D 136 34.92 25.15 -4.85
C GLN D 136 35.53 26.56 -4.85
N ASP D 137 35.59 27.23 -5.99
CA ASP D 137 36.14 28.60 -6.15
C ASP D 137 35.10 29.70 -5.81
N ARG D 138 33.88 29.34 -5.35
CA ARG D 138 32.83 30.29 -4.91
C ARG D 138 32.37 31.21 -6.06
N ARG D 139 32.32 30.66 -7.28
N ARG D 139 32.31 30.67 -7.28
CA ARG D 139 31.83 31.36 -8.49
CA ARG D 139 31.82 31.39 -8.48
C ARG D 139 30.34 31.68 -8.34
C ARG D 139 30.33 31.69 -8.33
N PHE D 140 29.58 30.80 -7.68
CA PHE D 140 28.10 30.85 -7.58
C PHE D 140 27.63 31.07 -6.14
N LYS D 141 26.60 31.91 -5.96
CA LYS D 141 25.82 32.00 -4.71
C LYS D 141 24.90 30.79 -4.72
N VAL D 142 24.53 30.30 -3.55
CA VAL D 142 23.65 29.11 -3.44
C VAL D 142 22.51 29.44 -2.48
N VAL D 143 21.32 28.96 -2.84
CA VAL D 143 20.10 28.92 -2.00
C VAL D 143 19.61 27.47 -2.04
N SER D 144 19.16 26.94 -0.91
CA SER D 144 18.64 25.56 -0.75
C SER D 144 17.15 25.57 -0.40
N VAL D 145 16.41 24.61 -0.93
CA VAL D 145 14.96 24.41 -0.67
C VAL D 145 14.75 23.01 -0.12
N SER D 146 13.94 22.88 0.92
CA SER D 146 13.54 21.59 1.52
C SER D 146 12.67 20.85 0.50
N ALA D 147 13.17 19.70 0.02
CA ALA D 147 12.45 18.82 -0.92
C ALA D 147 12.26 17.39 -0.41
N PHE D 148 12.66 17.05 0.82
CA PHE D 148 12.18 15.85 1.55
C PHE D 148 10.94 16.27 2.35
N CYS D 149 9.78 16.22 1.70
CA CYS D 149 8.51 16.82 2.18
C CYS D 149 7.55 15.67 2.53
N THR D 150 7.31 15.42 3.82
CA THR D 150 6.69 14.16 4.29
C THR D 150 5.16 14.19 4.20
N SER D 151 4.54 15.37 4.12
CA SER D 151 3.09 15.59 4.34
C SER D 151 2.56 16.66 3.36
N HIS D 152 3.07 16.67 2.13
CA HIS D 152 2.98 17.79 1.17
C HIS D 152 2.37 17.29 -0.14
N SER D 153 1.63 18.18 -0.82
CA SER D 153 1.06 17.92 -2.17
C SER D 153 2.13 18.18 -3.22
N LEU D 154 2.23 17.31 -4.21
CA LEU D 154 3.11 17.53 -5.40
C LEU D 154 2.61 18.73 -6.22
N GLN D 155 1.31 19.06 -6.18
CA GLN D 155 0.74 20.28 -6.83
C GLN D 155 1.25 21.54 -6.14
N ASP D 156 1.53 21.50 -4.84
CA ASP D 156 2.15 22.63 -4.11
C ASP D 156 3.64 22.74 -4.50
N SER D 157 4.34 21.62 -4.65
CA SER D 157 5.73 21.62 -5.19
C SER D 157 5.73 22.20 -6.62
N ARG D 158 4.75 21.84 -7.44
CA ARG D 158 4.55 22.48 -8.77
C ARG D 158 4.44 24.00 -8.59
N LYS D 159 3.64 24.47 -7.62
CA LYS D 159 3.35 25.90 -7.40
C LYS D 159 4.59 26.60 -6.86
N PHE D 160 5.37 25.91 -6.02
CA PHE D 160 6.69 26.39 -5.56
C PHE D 160 7.55 26.71 -6.79
N GLY D 161 7.62 25.82 -7.77
CA GLY D 161 8.44 26.07 -8.97
C GLY D 161 7.89 27.25 -9.77
N GLU D 162 6.57 27.31 -9.89
CA GLU D 162 5.85 28.38 -10.65
C GLU D 162 6.17 29.73 -9.99
N GLY D 163 6.08 29.83 -8.66
CA GLY D 163 6.38 31.06 -7.92
C GLY D 163 7.84 31.45 -8.07
N LEU D 164 8.76 30.48 -8.01
CA LEU D 164 10.21 30.67 -8.20
C LEU D 164 10.47 31.39 -9.54
N ILE D 165 9.80 31.02 -10.63
CA ILE D 165 10.00 31.74 -11.93
C ILE D 165 9.71 33.24 -11.71
N LYS D 166 8.64 33.57 -10.98
CA LYS D 166 8.20 34.98 -10.78
C LYS D 166 9.22 35.71 -9.92
N ALA D 167 9.86 35.02 -8.95
CA ALA D 167 10.93 35.57 -8.09
C ALA D 167 12.16 35.88 -8.95
N ILE D 168 12.55 34.95 -9.81
CA ILE D 168 13.74 35.10 -10.69
C ILE D 168 13.50 36.30 -11.61
N GLU D 169 12.27 36.45 -12.14
CA GLU D 169 11.88 37.59 -13.04
C GLU D 169 12.20 38.91 -12.33
N ARG D 170 12.01 38.99 -11.02
CA ARG D 170 12.20 40.24 -10.22
C ARG D 170 13.66 40.40 -9.78
N TYR D 171 14.48 39.35 -9.90
CA TYR D 171 15.86 39.32 -9.36
C TYR D 171 16.81 39.88 -10.41
N ASP D 172 17.80 40.64 -10.00
CA ASP D 172 18.76 41.22 -10.97
C ASP D 172 19.90 40.20 -11.19
N GLY D 173 19.66 39.18 -12.01
CA GLY D 173 20.72 38.27 -12.47
C GLY D 173 20.19 36.96 -13.04
N ASN D 174 21.12 36.06 -13.37
CA ASN D 174 20.83 34.77 -14.04
C ASN D 174 20.80 33.68 -12.96
N VAL D 175 19.85 32.74 -13.06
CA VAL D 175 19.67 31.70 -12.00
C VAL D 175 19.64 30.33 -12.69
N ALA D 176 20.26 29.33 -12.07
CA ALA D 176 20.12 27.91 -12.44
C ALA D 176 19.36 27.23 -11.31
N ILE D 177 18.59 26.19 -11.65
CA ILE D 177 17.89 25.35 -10.64
C ILE D 177 18.28 23.88 -10.82
N PHE D 178 18.51 23.20 -9.71
CA PHE D 178 18.87 21.76 -9.66
C PHE D 178 17.89 21.03 -8.76
N ALA D 179 17.21 20.02 -9.29
CA ALA D 179 16.54 18.98 -8.48
C ALA D 179 17.60 17.95 -8.07
N SER D 180 18.04 17.97 -6.82
CA SER D 180 19.09 17.06 -6.28
C SER D 180 18.41 15.89 -5.57
N GLY D 181 18.36 14.74 -6.23
CA GLY D 181 17.58 13.56 -5.79
C GLY D 181 17.70 12.41 -6.76
N SER D 182 16.69 11.54 -6.80
CA SER D 182 16.80 10.19 -7.39
C SER D 182 15.72 10.00 -8.45
N LEU D 183 15.81 8.89 -9.17
CA LEU D 183 14.62 8.28 -9.79
C LEU D 183 13.95 7.44 -8.70
N SER D 184 13.81 6.12 -8.87
CA SER D 184 13.36 5.18 -7.78
C SER D 184 14.33 5.27 -6.62
N HIS D 185 13.86 5.10 -5.38
CA HIS D 185 14.77 5.17 -4.22
C HIS D 185 14.36 4.12 -3.19
N ARG D 186 14.18 2.88 -3.66
CA ARG D 186 14.02 1.69 -2.80
C ARG D 186 15.44 1.24 -2.42
N PHE D 187 15.99 1.81 -1.36
CA PHE D 187 17.38 1.52 -0.91
C PHE D 187 17.54 0.02 -0.65
N ILE D 188 18.69 -0.57 -1.02
CA ILE D 188 18.95 -2.04 -0.90
C ILE D 188 18.75 -2.45 0.56
N TRP D 189 18.12 -3.60 0.79
CA TRP D 189 17.82 -4.17 2.13
C TRP D 189 19.12 -4.42 2.88
N ASP D 190 19.10 -4.18 4.19
CA ASP D 190 20.27 -4.31 5.09
C ASP D 190 20.84 -5.74 4.99
N TRP D 191 20.00 -6.76 4.81
CA TRP D 191 20.43 -8.18 4.77
C TRP D 191 21.02 -8.56 3.38
N GLU D 192 21.17 -7.61 2.45
CA GLU D 192 21.64 -7.87 1.06
C GLU D 192 22.91 -7.05 0.77
N ALA D 193 23.63 -6.64 1.81
CA ALA D 193 24.86 -5.80 1.72
C ALA D 193 25.89 -6.43 0.79
N GLN D 194 25.92 -7.77 0.70
CA GLN D 194 26.89 -8.58 -0.08
C GLN D 194 26.82 -8.23 -1.58
N ARG D 195 25.62 -7.89 -2.09
CA ARG D 195 25.36 -7.54 -3.51
C ARG D 195 26.14 -6.28 -3.92
N GLY D 196 26.60 -5.45 -2.97
CA GLY D 196 27.38 -4.23 -3.26
C GLY D 196 26.50 -3.06 -3.75
N MET D 197 27.13 -2.07 -4.36
CA MET D 197 26.56 -0.72 -4.55
C MET D 197 26.03 -0.49 -5.96
N ASP D 198 26.12 -1.48 -6.87
CA ASP D 198 25.87 -1.25 -8.32
C ASP D 198 24.68 -2.10 -8.79
N THR D 199 23.69 -2.32 -7.92
CA THR D 199 22.49 -3.12 -8.26
C THR D 199 21.23 -2.36 -7.83
N TYR D 200 20.10 -2.66 -8.47
CA TYR D 200 18.74 -2.30 -8.01
C TYR D 200 18.25 -3.33 -6.99
N THR D 201 17.49 -2.88 -6.01
CA THR D 201 16.83 -3.77 -5.03
C THR D 201 15.81 -4.65 -5.74
N ARG D 202 15.02 -4.06 -6.63
CA ARG D 202 13.89 -4.74 -7.31
C ARG D 202 13.99 -4.52 -8.80
N GLU D 203 13.85 -5.57 -9.60
CA GLU D 203 13.81 -5.42 -11.08
C GLU D 203 12.69 -4.44 -11.44
N TRP D 204 11.59 -4.44 -10.68
CA TRP D 204 10.42 -3.56 -10.88
C TRP D 204 10.91 -2.10 -10.99
N ASP D 205 11.77 -1.67 -10.07
CA ASP D 205 12.22 -0.26 -10.03
C ASP D 205 13.11 0.00 -11.24
N ARG D 206 13.98 -0.96 -11.55
CA ARG D 206 14.93 -0.89 -12.71
C ARG D 206 14.11 -0.59 -13.97
N GLN D 207 13.02 -1.33 -14.19
CA GLN D 207 12.22 -1.28 -15.43
C GLN D 207 11.34 -0.02 -15.48
N VAL D 208 10.67 0.35 -14.38
CA VAL D 208 9.92 1.63 -14.32
C VAL D 208 10.90 2.78 -14.61
N ASP D 209 12.10 2.80 -13.99
CA ASP D 209 13.09 3.88 -14.21
C ASP D 209 13.49 3.96 -15.69
N LYS D 210 13.68 2.81 -16.36
CA LYS D 210 14.03 2.78 -17.80
C LYS D 210 12.87 3.40 -18.60
N HIS D 211 11.62 3.10 -18.24
CA HIS D 211 10.45 3.68 -18.94
C HIS D 211 10.42 5.21 -18.74
N VAL D 212 10.61 5.65 -17.51
CA VAL D 212 10.58 7.09 -17.17
C VAL D 212 11.68 7.85 -17.94
N VAL D 213 12.91 7.35 -17.98
CA VAL D 213 14.01 8.02 -18.75
C VAL D 213 13.61 8.10 -20.24
N LYS D 214 13.01 7.05 -20.81
CA LYS D 214 12.50 7.09 -22.20
C LYS D 214 11.49 8.23 -22.36
N MET D 215 10.54 8.35 -21.42
CA MET D 215 9.52 9.41 -21.43
C MET D 215 10.23 10.77 -21.41
N TRP D 216 11.23 10.96 -20.56
CA TRP D 216 11.95 12.26 -20.46
C TRP D 216 12.61 12.57 -21.81
N GLU D 217 13.32 11.60 -22.37
CA GLU D 217 14.06 11.74 -23.66
C GLU D 217 13.08 12.06 -24.77
N ASN D 218 11.83 11.63 -24.67
CA ASN D 218 10.80 11.84 -25.72
C ASN D 218 9.87 13.01 -25.40
N ALA D 219 10.15 13.80 -24.36
CA ALA D 219 9.32 14.99 -24.01
C ALA D 219 7.86 14.59 -23.72
N GLU D 220 7.62 13.42 -23.17
CA GLU D 220 6.24 12.97 -22.78
C GLU D 220 5.90 13.58 -21.41
N TRP D 221 5.93 14.91 -21.28
CA TRP D 221 5.84 15.56 -19.96
C TRP D 221 4.41 15.59 -19.43
N ALA D 222 3.39 15.69 -20.29
CA ALA D 222 1.98 15.64 -19.83
C ALA D 222 1.75 14.30 -19.13
N GLU D 223 2.19 13.23 -19.77
CA GLU D 223 2.03 11.82 -19.28
C GLU D 223 2.85 11.64 -18.01
N PHE D 224 4.08 12.16 -17.99
CA PHE D 224 4.97 11.94 -16.84
C PHE D 224 4.43 12.67 -15.62
N CYS D 225 4.01 13.94 -15.78
CA CYS D 225 3.43 14.73 -14.66
C CYS D 225 2.20 13.99 -14.15
N ALA D 226 1.36 13.46 -15.04
CA ALA D 226 0.12 12.79 -14.63
C ALA D 226 0.46 11.55 -13.77
N MET D 227 1.55 10.82 -14.07
CA MET D 227 1.87 9.54 -13.38
C MET D 227 2.82 9.80 -12.19
N LEU D 228 3.21 11.05 -11.93
CA LEU D 228 4.27 11.34 -10.92
C LEU D 228 3.83 10.90 -9.52
N PRO D 229 2.57 11.12 -9.08
CA PRO D 229 2.16 10.70 -7.75
C PRO D 229 2.29 9.19 -7.51
N GLU D 230 1.92 8.38 -8.50
CA GLU D 230 2.07 6.89 -8.42
C GLU D 230 3.56 6.49 -8.47
N TYR D 231 4.35 7.05 -9.39
CA TYR D 231 5.81 6.78 -9.45
C TYR D 231 6.44 7.02 -8.06
N ALA D 232 6.10 8.13 -7.40
CA ALA D 232 6.72 8.54 -6.11
C ALA D 232 6.36 7.50 -5.04
N GLU D 233 5.14 6.98 -5.13
CA GLU D 233 4.63 6.05 -4.10
C GLU D 233 5.24 4.65 -4.35
N TYR D 234 5.06 4.12 -5.55
CA TYR D 234 5.31 2.68 -5.83
C TYR D 234 6.81 2.41 -6.05
N CYS D 235 7.61 3.44 -6.35
CA CYS D 235 9.07 3.32 -6.58
C CYS D 235 9.82 4.08 -5.46
N PHE D 236 9.16 4.39 -4.35
CA PHE D 236 9.81 4.87 -3.09
C PHE D 236 10.69 6.11 -3.35
N GLY D 237 10.12 7.15 -3.97
CA GLY D 237 10.92 8.31 -4.39
C GLY D 237 11.65 8.92 -3.21
N GLU D 238 12.86 9.38 -3.45
CA GLU D 238 13.68 10.06 -2.40
C GLU D 238 12.96 11.37 -2.08
N GLY D 239 12.51 11.49 -0.83
CA GLY D 239 11.72 12.60 -0.30
C GLY D 239 10.39 12.77 -1.00
N GLY D 240 9.86 11.75 -1.65
CA GLY D 240 8.57 11.77 -2.35
C GLY D 240 8.65 12.39 -3.74
N MET D 241 9.85 12.59 -4.30
CA MET D 241 10.04 13.22 -5.65
C MET D 241 9.51 14.66 -5.71
N HIS D 242 9.51 15.39 -4.60
CA HIS D 242 9.12 16.82 -4.59
C HIS D 242 10.16 17.63 -5.37
N ASP D 243 11.41 17.17 -5.38
CA ASP D 243 12.50 17.86 -6.13
C ASP D 243 12.13 17.85 -7.62
N THR D 244 11.75 16.69 -8.14
CA THR D 244 11.32 16.52 -9.54
C THR D 244 10.12 17.46 -9.82
N ALA D 245 9.15 17.52 -8.90
CA ALA D 245 7.92 18.32 -9.06
C ALA D 245 8.26 19.82 -9.05
N MET D 246 9.20 20.26 -8.22
CA MET D 246 9.60 21.68 -8.15
C MET D 246 10.22 22.08 -9.48
N LEU D 247 11.05 21.21 -10.03
CA LEU D 247 11.76 21.47 -11.30
C LEU D 247 10.73 21.50 -12.43
N LEU D 248 9.82 20.54 -12.47
CA LEU D 248 8.83 20.52 -13.58
C LEU D 248 7.87 21.71 -13.46
N GLY D 249 7.53 22.11 -12.23
CA GLY D 249 6.72 23.32 -11.98
C GLY D 249 7.35 24.57 -12.55
N ALA D 250 8.64 24.76 -12.34
CA ALA D 250 9.41 25.89 -12.90
C ALA D 250 9.41 25.83 -14.43
N LEU D 251 9.30 24.64 -15.02
CA LEU D 251 9.55 24.44 -16.48
C LEU D 251 8.22 24.52 -17.26
N GLY D 252 7.06 24.37 -16.61
CA GLY D 252 5.73 24.49 -17.25
C GLY D 252 4.84 23.28 -17.03
N TRP D 253 5.32 22.26 -16.29
CA TRP D 253 4.48 21.12 -15.86
C TRP D 253 4.00 20.37 -17.12
N ASP D 254 2.69 20.17 -17.33
CA ASP D 254 2.14 19.41 -18.49
C ASP D 254 2.30 20.19 -19.80
N LYS D 255 2.70 21.46 -19.78
CA LYS D 255 2.95 22.19 -21.05
C LYS D 255 4.44 22.13 -21.40
N TYR D 256 5.29 21.62 -20.51
CA TYR D 256 6.74 21.43 -20.81
C TYR D 256 6.86 20.48 -22.03
N ASN D 257 7.71 20.84 -22.99
CA ASN D 257 7.71 20.22 -24.33
C ASN D 257 9.15 19.96 -24.82
N GLN D 258 10.17 20.02 -23.95
CA GLN D 258 11.60 19.87 -24.39
C GLN D 258 12.12 18.48 -24.03
N PRO D 259 12.86 17.81 -24.94
CA PRO D 259 13.45 16.50 -24.64
C PRO D 259 14.57 16.68 -23.59
N ALA D 260 14.61 15.88 -22.53
CA ALA D 260 15.71 15.90 -21.55
C ALA D 260 17.01 15.52 -22.24
N GLU D 261 18.10 16.20 -21.91
CA GLU D 261 19.48 15.86 -22.33
C GLU D 261 20.12 15.03 -21.22
N ILE D 262 20.39 13.74 -21.46
CA ILE D 262 20.95 12.83 -20.44
C ILE D 262 22.45 13.06 -20.34
N ILE D 263 22.92 13.73 -19.28
CA ILE D 263 24.36 14.07 -19.09
C ILE D 263 25.07 12.80 -18.59
N THR D 264 24.51 12.12 -17.60
CA THR D 264 25.00 10.81 -17.10
C THR D 264 23.88 9.78 -17.21
N PRO D 265 24.04 8.70 -18.01
CA PRO D 265 23.02 7.64 -18.09
C PRO D 265 22.59 7.11 -16.73
N ALA D 266 21.32 6.72 -16.61
CA ALA D 266 20.74 6.17 -15.37
C ALA D 266 21.64 5.04 -14.90
N PHE D 267 21.95 5.00 -13.62
CA PHE D 267 22.75 3.91 -12.99
C PHE D 267 22.12 3.58 -11.65
N PRO D 268 22.23 2.30 -11.22
CA PRO D 268 21.86 1.89 -9.87
C PRO D 268 22.91 2.36 -8.87
N SER D 269 22.48 2.71 -7.68
CA SER D 269 23.41 3.03 -6.57
C SER D 269 22.74 2.62 -5.26
N SER D 270 23.23 1.54 -4.66
CA SER D 270 22.71 0.97 -3.40
C SER D 270 21.22 0.69 -3.54
N GLY D 271 20.81 0.16 -4.68
CA GLY D 271 19.41 -0.27 -4.89
C GLY D 271 18.55 0.78 -5.58
N THR D 272 19.05 2.02 -5.69
CA THR D 272 18.27 3.22 -6.11
C THR D 272 18.66 3.63 -7.53
N GLY D 273 17.80 4.36 -8.24
CA GLY D 273 18.07 4.88 -9.60
C GLY D 273 18.57 6.31 -9.58
N GLN D 274 19.68 6.56 -10.27
CA GLN D 274 20.36 7.85 -10.29
C GLN D 274 20.56 8.29 -11.74
N ILE D 275 20.51 9.59 -11.98
CA ILE D 275 20.73 10.18 -13.33
C ILE D 275 21.22 11.62 -13.16
N ASN D 276 21.98 12.10 -14.16
CA ASN D 276 22.19 13.55 -14.38
C ASN D 276 21.58 13.89 -15.73
N ALA D 277 20.74 14.92 -15.77
CA ALA D 277 19.98 15.30 -16.98
C ALA D 277 19.75 16.83 -17.00
N ILE D 278 19.99 17.44 -18.15
CA ILE D 278 19.63 18.87 -18.38
C ILE D 278 18.21 18.88 -18.96
N PHE D 279 17.39 19.81 -18.47
CA PHE D 279 16.01 20.05 -18.93
C PHE D 279 16.06 21.37 -19.70
N PRO D 280 16.17 21.35 -21.04
CA PRO D 280 16.28 22.59 -21.81
C PRO D 280 15.05 23.49 -21.61
N LEU D 281 15.26 24.81 -21.61
CA LEU D 281 14.19 25.80 -21.31
C LEU D 281 13.30 26.02 -22.52
N MET D 282 12.03 26.30 -22.30
CA MET D 282 11.08 26.54 -23.41
C MET D 282 11.40 27.91 -24.01
N PRO D 283 11.42 28.06 -25.35
CA PRO D 283 11.66 29.37 -25.98
C PRO D 283 10.80 30.54 -25.47
#